data_8AXX
#
_entry.id   8AXX
#
loop_
_entity.id
_entity.type
_entity.pdbx_description
1 polymer 'Capsid protein VP1'
2 polymer 'Capsid protein VP2'
3 polymer 'Capsid protein VP3'
#
loop_
_entity_poly.entity_id
_entity_poly.type
_entity_poly.pdbx_seq_one_letter_code
_entity_poly.pdbx_strand_id
1 'polypeptide(L)'
;GDVEEAIERAVVHVADTMRSGPSNSASVPALTAVETGHTSQVTPSDTMQTRHVKNYHSRSESTVENFLGRSACVYMEEYK
TTDNDVNKKFVAWPINTKQMVQMRRKLEMFTYLRFDMEVTFVITSRQDPGTTLAQDMPVLTHQIMYVPPGGPIPAKVDDY
AWQTSTNPSIFWTEGNAPARMSIPFISIGNAYSNFYDGWSNFDQRGSYGYNTLNNLGHIYVRHVSGSSPHPITSTIRVYF
KPKHTRAWVPRPPRLCQYKKAFSVDFTPTPITDTRKDINTVTTVAQSRRRGDMSTLNTH
;
A
2 'polypeptide(L)'
;SPTVEECGYSDRVRSITLGNSTITTQECANVVVGYGRWPTYLRDDEATAEDQPTQPDVATCRFYTLDSIKWEKGSVGWWW
KFPEALSDMGLFGQNMQYHYLGRAGYTIHVQCNASKFHQGCLLVVCVPEAEMGGAVVGQAFSATAMANGDKAYEFTSATQ
SDQTKVQTAIHNAGMGVGVGNLTIYPHQWINLRTNNSATIVMPYINSVPMDNMFRHYNFTLMVIPFVKLDYADTASTYVP
ITVTVAPMCAEYNGLRLAQAQ
;
B
3 'polypeptide(L)'
;GLPTMNTPGSTQFLTSDDFQSPCALPQFDVTPSMNIPGEVKNLMEIAEVDSVVPVNNVQDTTDQMEMFRIPVTINAPLQQ
QVFGLRLQPGLDSVFKHTLLGEILNYYAHWSGSMKLTFVFCGSAMATGKFLIAYSPPGANPPKTRKDAMLGTHIIWDIGL
QSSCVLCVPWISQTHYRLVQQDEYTSAGYVTCWYQTGMIVPPGTPNSSSIMCFASACNDFSVRMLRDTPFISQDNKLQ
;
C
#
# COMPACT_ATOMS: atom_id res chain seq x y z
N SER A 60 -22.16 7.75 -6.12
CA SER A 60 -20.96 8.47 -5.61
C SER A 60 -19.94 8.61 -6.70
N GLU A 61 -18.87 9.38 -6.40
CA GLU A 61 -17.74 9.54 -7.27
C GLU A 61 -16.60 8.82 -6.61
N SER A 62 -16.90 8.05 -5.54
CA SER A 62 -15.91 7.48 -4.69
C SER A 62 -15.74 6.04 -5.06
N THR A 63 -16.53 5.51 -6.02
CA THR A 63 -16.41 4.14 -6.48
C THR A 63 -15.10 3.96 -7.17
N VAL A 64 -14.49 2.76 -7.09
CA VAL A 64 -13.21 2.44 -7.68
C VAL A 64 -13.27 2.61 -9.18
N GLU A 65 -14.44 2.31 -9.77
CA GLU A 65 -14.74 2.39 -11.18
C GLU A 65 -14.58 3.80 -11.70
N ASN A 66 -15.06 4.82 -10.94
CA ASN A 66 -15.05 6.20 -11.38
C ASN A 66 -13.78 6.86 -10.97
N PHE A 67 -13.09 6.32 -9.94
CA PHE A 67 -11.86 6.85 -9.42
C PHE A 67 -10.78 6.75 -10.46
N LEU A 68 -10.74 5.62 -11.20
CA LEU A 68 -9.72 5.32 -12.17
C LEU A 68 -10.27 5.40 -13.56
N GLY A 69 -11.54 5.83 -13.72
CA GLY A 69 -12.23 5.85 -14.99
C GLY A 69 -11.86 7.00 -15.87
N ARG A 70 -11.09 7.99 -15.34
CA ARG A 70 -10.66 9.16 -16.06
C ARG A 70 -9.69 8.84 -17.16
N SER A 71 -9.67 9.65 -18.25
CA SER A 71 -8.79 9.46 -19.38
C SER A 71 -7.77 10.56 -19.38
N ALA A 72 -6.50 10.23 -19.71
CA ALA A 72 -5.44 11.20 -19.63
C ALA A 72 -4.35 10.80 -20.55
N CYS A 73 -3.55 11.82 -20.99
CA CYS A 73 -2.42 11.69 -21.89
C CYS A 73 -1.35 10.85 -21.22
N VAL A 74 -0.57 10.06 -21.98
CA VAL A 74 0.35 9.13 -21.40
C VAL A 74 1.60 9.06 -22.23
N TYR A 75 1.58 9.50 -23.51
CA TYR A 75 2.77 9.44 -24.33
C TYR A 75 2.64 10.48 -25.38
N MET A 76 3.76 11.13 -25.79
CA MET A 76 3.77 12.11 -26.84
C MET A 76 5.12 12.00 -27.49
N GLU A 77 5.17 11.97 -28.85
CA GLU A 77 6.40 11.76 -29.57
C GLU A 77 6.19 12.29 -30.96
N GLU A 78 7.29 12.56 -31.70
CA GLU A 78 7.24 13.07 -33.05
C GLU A 78 8.12 12.19 -33.88
N TYR A 79 7.91 12.20 -35.21
CA TYR A 79 8.73 11.46 -36.14
C TYR A 79 8.67 12.27 -37.40
N LYS A 80 9.73 12.18 -38.22
CA LYS A 80 9.79 12.81 -39.50
C LYS A 80 9.98 11.69 -40.47
N THR A 81 9.25 11.75 -41.60
CA THR A 81 9.21 10.76 -42.65
C THR A 81 10.57 10.52 -43.24
N THR A 82 11.33 11.61 -43.48
CA THR A 82 12.60 11.56 -44.13
C THR A 82 13.59 12.08 -43.13
N ASP A 83 14.53 11.21 -42.70
CA ASP A 83 15.45 11.55 -41.64
C ASP A 83 16.60 10.59 -41.83
N ASN A 84 17.81 10.98 -41.34
CA ASN A 84 19.01 10.16 -41.36
C ASN A 84 18.82 8.91 -40.54
N ASP A 85 18.22 9.03 -39.34
CA ASP A 85 17.96 7.91 -38.46
C ASP A 85 16.76 7.20 -39.01
N VAL A 86 16.74 5.85 -38.84
CA VAL A 86 15.65 5.02 -39.28
C VAL A 86 14.75 4.70 -38.12
N ASN A 87 15.11 5.17 -36.90
CA ASN A 87 14.34 4.94 -35.70
C ASN A 87 13.54 6.17 -35.39
N LYS A 88 13.62 7.18 -36.27
CA LYS A 88 12.95 8.44 -36.13
C LYS A 88 12.02 8.57 -37.29
N LYS A 89 11.69 7.44 -37.97
CA LYS A 89 10.72 7.41 -39.02
C LYS A 89 9.45 6.76 -38.56
N PHE A 90 9.37 6.32 -37.29
CA PHE A 90 8.17 5.71 -36.81
C PHE A 90 8.20 5.78 -35.31
N VAL A 91 7.00 5.71 -34.69
CA VAL A 91 6.79 5.71 -33.27
C VAL A 91 6.91 4.30 -32.78
N ALA A 92 7.35 4.12 -31.52
CA ALA A 92 7.41 2.86 -30.86
C ALA A 92 7.07 3.21 -29.45
N TRP A 93 6.31 2.34 -28.75
CA TRP A 93 5.80 2.69 -27.46
C TRP A 93 5.37 1.44 -26.76
N PRO A 94 6.12 0.87 -25.83
CA PRO A 94 5.66 -0.16 -24.91
C PRO A 94 4.56 0.40 -24.04
N ILE A 95 3.41 -0.31 -23.90
CA ILE A 95 2.30 0.19 -23.13
C ILE A 95 2.59 -0.12 -21.69
N ASN A 96 2.58 0.92 -20.84
CA ASN A 96 2.76 0.76 -19.43
C ASN A 96 2.19 2.02 -18.83
N THR A 97 1.86 1.95 -17.53
CA THR A 97 1.20 3.00 -16.79
C THR A 97 2.13 3.50 -15.71
N LYS A 98 3.45 3.39 -15.92
CA LYS A 98 4.44 3.78 -14.96
C LYS A 98 5.16 5.01 -15.46
N GLN A 99 4.68 5.65 -16.55
CA GLN A 99 5.34 6.78 -17.16
C GLN A 99 4.64 8.06 -16.81
N MET A 100 3.41 7.97 -16.25
CA MET A 100 2.62 9.12 -15.94
C MET A 100 2.60 9.16 -14.46
N VAL A 101 3.30 10.13 -13.85
CA VAL A 101 3.52 10.20 -12.42
C VAL A 101 2.23 10.34 -11.66
N GLN A 102 1.33 11.20 -12.17
CA GLN A 102 0.06 11.52 -11.57
C GLN A 102 -0.87 10.34 -11.49
N MET A 103 -0.92 9.51 -12.56
CA MET A 103 -1.81 8.37 -12.63
C MET A 103 -1.17 7.14 -12.07
N ARG A 104 0.16 7.14 -11.88
CA ARG A 104 0.87 6.02 -11.33
C ARG A 104 0.53 5.83 -9.90
N ARG A 105 0.34 6.94 -9.16
CA ARG A 105 0.05 6.90 -7.77
C ARG A 105 -1.34 6.41 -7.48
N LYS A 106 -2.28 6.58 -8.42
CA LYS A 106 -3.65 6.17 -8.22
C LYS A 106 -3.84 4.70 -8.49
N LEU A 107 -2.91 4.08 -9.25
CA LEU A 107 -3.01 2.70 -9.61
C LEU A 107 -2.14 1.89 -8.70
N GLU A 108 -1.41 2.54 -7.78
CA GLU A 108 -0.54 1.88 -6.85
C GLU A 108 -1.11 1.96 -5.47
N MET A 109 -2.45 2.05 -5.38
CA MET A 109 -3.14 1.95 -4.12
C MET A 109 -3.83 0.61 -4.09
N PHE A 110 -3.53 -0.27 -5.07
CA PHE A 110 -4.14 -1.57 -5.17
C PHE A 110 -3.02 -2.47 -5.58
N THR A 111 -3.14 -3.78 -5.30
CA THR A 111 -2.08 -4.72 -5.55
C THR A 111 -2.42 -5.50 -6.79
N TYR A 112 -3.70 -5.55 -7.18
CA TYR A 112 -4.11 -6.33 -8.32
C TYR A 112 -5.19 -5.53 -8.93
N LEU A 113 -5.24 -5.48 -10.27
CA LEU A 113 -6.22 -4.74 -11.00
C LEU A 113 -6.55 -5.58 -12.17
N ARG A 114 -7.74 -5.37 -12.74
CA ARG A 114 -8.18 -6.11 -13.89
C ARG A 114 -9.00 -5.12 -14.64
N PHE A 115 -8.65 -4.82 -15.91
CA PHE A 115 -9.33 -3.80 -16.67
C PHE A 115 -9.12 -4.01 -18.13
N ASP A 116 -9.94 -3.30 -18.93
CA ASP A 116 -9.83 -3.22 -20.37
C ASP A 116 -9.23 -1.87 -20.63
N MET A 117 -8.66 -1.67 -21.82
CA MET A 117 -7.98 -0.45 -22.15
C MET A 117 -8.73 0.13 -23.29
N GLU A 118 -8.69 1.47 -23.42
CA GLU A 118 -9.30 2.17 -24.51
C GLU A 118 -8.28 3.21 -24.83
N VAL A 119 -7.80 3.24 -26.09
CA VAL A 119 -6.69 4.05 -26.48
C VAL A 119 -7.18 4.84 -27.64
N THR A 120 -7.07 6.19 -27.59
CA THR A 120 -7.47 7.08 -28.65
C THR A 120 -6.31 7.97 -28.95
N PHE A 121 -6.05 8.22 -30.26
CA PHE A 121 -4.85 8.87 -30.74
C PHE A 121 -5.26 10.15 -31.37
N VAL A 122 -4.48 11.23 -31.14
CA VAL A 122 -4.71 12.52 -31.73
C VAL A 122 -3.47 12.81 -32.52
N ILE A 123 -3.60 12.96 -33.86
CA ILE A 123 -2.49 13.10 -34.78
C ILE A 123 -2.64 14.42 -35.46
N THR A 124 -1.51 15.13 -35.68
CA THR A 124 -1.44 16.38 -36.41
C THR A 124 -0.25 16.21 -37.31
N SER A 125 -0.15 17.05 -38.38
CA SER A 125 0.89 16.92 -39.36
C SER A 125 1.21 18.30 -39.85
N ARG A 126 2.42 18.47 -40.41
CA ARG A 126 2.89 19.72 -40.93
C ARG A 126 3.80 19.34 -42.05
N GLN A 127 3.84 20.19 -43.11
CA GLN A 127 4.59 19.97 -44.31
C GLN A 127 6.07 20.29 -44.06
N PRO A 138 -2.41 17.13 -50.38
CA PRO A 138 -3.00 15.77 -50.56
C PRO A 138 -3.51 15.33 -49.21
N VAL A 139 -4.19 14.16 -49.17
CA VAL A 139 -4.68 13.54 -47.97
C VAL A 139 -3.55 12.70 -47.43
N LEU A 140 -3.37 12.66 -46.09
CA LEU A 140 -2.33 11.93 -45.45
C LEU A 140 -2.99 10.82 -44.68
N THR A 141 -2.45 9.59 -44.81
CA THR A 141 -2.98 8.39 -44.18
C THR A 141 -1.91 7.92 -43.24
N HIS A 142 -2.31 7.27 -42.13
CA HIS A 142 -1.40 6.81 -41.11
C HIS A 142 -1.90 5.47 -40.67
N GLN A 143 -1.01 4.46 -40.59
CA GLN A 143 -1.30 3.16 -40.05
C GLN A 143 -1.03 3.25 -38.58
N ILE A 144 -1.83 2.55 -37.74
CA ILE A 144 -1.60 2.49 -36.31
C ILE A 144 -1.73 1.05 -35.99
N MET A 145 -0.61 0.38 -35.64
CA MET A 145 -0.57 -1.05 -35.46
C MET A 145 -0.35 -1.39 -34.02
N TYR A 146 -1.28 -2.16 -33.43
CA TYR A 146 -1.12 -2.74 -32.12
C TYR A 146 -0.50 -4.08 -32.32
N VAL A 147 0.54 -4.41 -31.53
CA VAL A 147 1.22 -5.68 -31.57
C VAL A 147 0.87 -6.34 -30.26
N PRO A 148 0.08 -7.41 -30.17
CA PRO A 148 -0.18 -8.14 -28.93
C PRO A 148 1.10 -8.70 -28.37
N PRO A 149 1.30 -8.89 -27.06
CA PRO A 149 2.53 -9.44 -26.52
C PRO A 149 2.86 -10.79 -27.12
N GLY A 150 4.11 -10.96 -27.60
CA GLY A 150 4.56 -12.17 -28.23
C GLY A 150 4.25 -12.19 -29.69
N GLY A 151 4.18 -11.01 -30.35
CA GLY A 151 4.02 -10.89 -31.78
C GLY A 151 5.32 -10.37 -32.35
N PRO A 152 5.51 -10.37 -33.66
CA PRO A 152 6.66 -9.76 -34.34
C PRO A 152 6.68 -8.26 -34.13
N ILE A 153 7.88 -7.67 -34.04
CA ILE A 153 8.07 -6.26 -33.81
C ILE A 153 8.87 -5.71 -34.96
N PRO A 154 8.55 -4.56 -35.55
CA PRO A 154 9.26 -4.02 -36.69
C PRO A 154 10.50 -3.33 -36.22
N ALA A 155 11.57 -3.33 -37.04
CA ALA A 155 12.83 -2.73 -36.70
C ALA A 155 13.18 -1.72 -37.75
N LYS A 156 12.33 -1.60 -38.80
CA LYS A 156 12.54 -0.71 -39.91
C LYS A 156 11.22 -0.08 -40.18
N VAL A 157 11.24 1.03 -40.96
CA VAL A 157 10.07 1.75 -41.41
C VAL A 157 9.20 0.86 -42.26
N ASP A 158 9.80 -0.08 -43.02
CA ASP A 158 9.06 -1.02 -43.81
C ASP A 158 9.79 -2.34 -43.77
N ASP A 159 9.05 -3.39 -43.37
CA ASP A 159 9.54 -4.74 -43.23
C ASP A 159 8.30 -5.56 -43.07
N TYR A 160 8.44 -6.90 -42.97
CA TYR A 160 7.35 -7.83 -42.99
C TYR A 160 6.51 -7.79 -41.74
N ALA A 161 7.00 -7.16 -40.65
CA ALA A 161 6.28 -7.06 -39.41
C ALA A 161 5.08 -6.15 -39.47
N TRP A 162 4.96 -5.33 -40.54
CA TRP A 162 3.83 -4.46 -40.75
C TRP A 162 2.84 -5.11 -41.67
N GLN A 163 3.19 -6.28 -42.25
CA GLN A 163 2.36 -6.97 -43.20
C GLN A 163 1.73 -8.15 -42.51
N THR A 164 2.04 -8.38 -41.20
CA THR A 164 1.48 -9.45 -40.40
C THR A 164 0.00 -9.26 -40.26
N SER A 165 -0.76 -10.37 -40.36
CA SER A 165 -2.21 -10.36 -40.35
C SER A 165 -2.78 -10.64 -38.98
N THR A 166 -1.93 -10.73 -37.93
CA THR A 166 -2.37 -11.04 -36.60
C THR A 166 -2.10 -9.85 -35.71
N ASN A 167 -1.78 -8.68 -36.30
CA ASN A 167 -1.51 -7.47 -35.56
C ASN A 167 -2.59 -6.53 -36.03
N PRO A 168 -3.59 -6.14 -35.25
CA PRO A 168 -4.62 -5.19 -35.62
C PRO A 168 -4.06 -3.89 -36.14
N SER A 169 -4.77 -3.22 -37.08
CA SER A 169 -4.26 -2.02 -37.69
C SER A 169 -5.43 -1.14 -37.99
N ILE A 170 -5.20 0.19 -37.96
CA ILE A 170 -6.19 1.19 -38.24
C ILE A 170 -5.59 2.08 -39.27
N PHE A 171 -6.23 2.23 -40.44
CA PHE A 171 -5.80 3.13 -41.48
C PHE A 171 -6.72 4.29 -41.38
N TRP A 172 -6.21 5.42 -40.85
CA TRP A 172 -6.99 6.59 -40.54
C TRP A 172 -6.43 7.70 -41.35
N THR A 173 -7.30 8.56 -41.93
CA THR A 173 -6.91 9.73 -42.67
C THR A 173 -7.26 10.92 -41.83
N GLU A 174 -6.54 12.04 -42.04
CA GLU A 174 -6.77 13.26 -41.32
C GLU A 174 -8.04 13.93 -41.76
N GLY A 175 -8.69 14.65 -40.82
CA GLY A 175 -9.88 15.41 -41.10
C GLY A 175 -11.09 14.59 -40.78
N ASN A 176 -10.93 13.62 -39.85
CA ASN A 176 -11.98 12.72 -39.42
C ASN A 176 -11.82 12.67 -37.94
N ALA A 177 -12.85 12.16 -37.23
CA ALA A 177 -12.84 12.02 -35.80
C ALA A 177 -11.76 11.06 -35.37
N PRO A 178 -10.98 11.29 -34.32
CA PRO A 178 -9.87 10.48 -33.86
C PRO A 178 -10.03 8.98 -33.89
N ALA A 179 -8.94 8.23 -34.16
CA ALA A 179 -8.93 6.79 -34.18
C ALA A 179 -9.04 6.27 -32.78
N ARG A 180 -9.71 5.11 -32.58
CA ARG A 180 -9.89 4.57 -31.26
C ARG A 180 -10.06 3.10 -31.40
N MET A 181 -9.60 2.32 -30.39
CA MET A 181 -9.84 0.91 -30.32
C MET A 181 -9.72 0.53 -28.88
N SER A 182 -10.38 -0.56 -28.46
CA SER A 182 -10.38 -1.02 -27.10
C SER A 182 -9.74 -2.39 -27.08
N ILE A 183 -8.58 -2.50 -26.40
CA ILE A 183 -7.85 -3.74 -26.26
C ILE A 183 -8.40 -4.44 -25.03
N PRO A 184 -8.91 -5.68 -25.06
CA PRO A 184 -9.47 -6.37 -23.90
C PRO A 184 -8.44 -6.69 -22.86
N PHE A 185 -8.82 -7.39 -21.77
CA PHE A 185 -7.91 -7.92 -20.78
C PHE A 185 -7.12 -9.03 -21.40
N ILE A 186 -5.80 -8.80 -21.63
CA ILE A 186 -4.91 -9.76 -22.23
C ILE A 186 -3.92 -10.05 -21.17
N SER A 187 -3.85 -11.34 -20.76
CA SER A 187 -3.00 -11.83 -19.72
C SER A 187 -3.50 -13.21 -19.50
N ILE A 188 -2.59 -14.14 -19.16
CA ILE A 188 -2.92 -15.51 -18.90
C ILE A 188 -3.07 -15.75 -17.42
N GLY A 189 -2.80 -14.71 -16.59
CA GLY A 189 -3.07 -14.72 -15.17
C GLY A 189 -4.48 -14.27 -14.99
N ASN A 190 -4.94 -14.09 -13.74
CA ASN A 190 -6.32 -13.73 -13.48
C ASN A 190 -6.41 -12.29 -13.11
N ALA A 191 -5.26 -11.58 -13.03
CA ALA A 191 -5.23 -10.18 -12.76
C ALA A 191 -3.86 -9.72 -13.10
N TYR A 192 -3.69 -8.40 -13.33
CA TYR A 192 -2.40 -7.76 -13.45
C TYR A 192 -1.94 -7.55 -12.04
N SER A 193 -0.62 -7.43 -11.81
CA SER A 193 -0.09 -7.22 -10.49
C SER A 193 0.77 -6.02 -10.60
N ASN A 194 0.52 -4.99 -9.75
CA ASN A 194 1.29 -3.78 -9.74
C ASN A 194 2.57 -4.01 -9.00
N PHE A 195 2.57 -4.95 -8.03
CA PHE A 195 3.70 -5.24 -7.21
C PHE A 195 3.95 -6.71 -7.30
N TYR A 196 5.22 -7.10 -7.46
CA TYR A 196 5.62 -8.46 -7.59
C TYR A 196 6.87 -8.51 -6.78
N ASP A 197 6.91 -9.32 -5.70
CA ASP A 197 8.07 -9.46 -4.88
C ASP A 197 8.60 -10.82 -5.22
N GLY A 198 9.66 -10.90 -6.03
CA GLY A 198 10.19 -12.16 -6.42
C GLY A 198 11.24 -11.95 -7.45
N TRP A 199 11.55 -13.02 -8.21
CA TRP A 199 12.60 -13.04 -9.19
C TRP A 199 12.02 -13.70 -10.39
N SER A 200 12.69 -13.51 -11.56
CA SER A 200 12.22 -14.05 -12.81
C SER A 200 12.88 -15.38 -13.07
N ASN A 201 14.22 -15.40 -13.09
CA ASN A 201 15.00 -16.66 -13.28
C ASN A 201 15.27 -17.26 -11.90
N PHE A 202 15.83 -16.45 -10.99
CA PHE A 202 16.06 -16.93 -9.61
C PHE A 202 17.32 -16.27 -9.03
N ASP A 203 17.15 -15.26 -8.17
CA ASP A 203 18.30 -14.58 -7.52
C ASP A 203 19.31 -14.18 -8.59
N GLY A 206 18.80 -7.84 -13.04
CA GLY A 206 17.89 -7.63 -14.18
C GLY A 206 16.79 -8.65 -14.07
N SER A 207 16.23 -8.83 -12.87
CA SER A 207 15.22 -9.87 -12.60
C SER A 207 14.33 -9.52 -11.39
N TYR A 208 14.99 -8.59 -10.37
CA TYR A 208 14.03 -8.34 -9.34
C TYR A 208 12.82 -7.59 -9.86
N GLY A 209 11.64 -7.95 -9.32
CA GLY A 209 10.40 -7.20 -9.46
C GLY A 209 9.89 -7.09 -10.85
N TYR A 210 10.06 -8.12 -11.69
CA TYR A 210 9.57 -8.12 -13.03
C TYR A 210 9.07 -9.51 -13.30
N ASN A 211 7.83 -9.59 -13.81
CA ASN A 211 7.21 -10.81 -14.25
C ASN A 211 6.60 -10.46 -15.56
N THR A 212 6.30 -11.50 -16.37
CA THR A 212 5.86 -11.32 -17.73
C THR A 212 4.37 -11.40 -17.85
N LEU A 213 3.64 -11.59 -16.74
CA LEU A 213 2.21 -11.74 -16.80
C LEU A 213 1.53 -10.41 -16.89
N ASN A 214 2.20 -9.32 -16.45
CA ASN A 214 1.63 -7.99 -16.43
C ASN A 214 2.08 -7.21 -17.65
N ASN A 215 2.80 -7.87 -18.58
CA ASN A 215 3.28 -7.30 -19.82
C ASN A 215 2.12 -6.97 -20.72
N LEU A 216 2.21 -5.84 -21.46
CA LEU A 216 1.18 -5.37 -22.36
C LEU A 216 1.89 -5.12 -23.65
N GLY A 217 1.13 -4.98 -24.76
CA GLY A 217 1.65 -4.87 -26.11
C GLY A 217 2.42 -3.62 -26.41
N HIS A 218 2.53 -3.28 -27.71
CA HIS A 218 3.26 -2.14 -28.19
C HIS A 218 2.41 -1.51 -29.24
N ILE A 219 2.72 -0.25 -29.63
CA ILE A 219 1.97 0.48 -30.62
C ILE A 219 3.02 1.11 -31.48
N TYR A 220 2.93 0.94 -32.81
CA TYR A 220 3.85 1.53 -33.76
C TYR A 220 2.99 2.24 -34.74
N VAL A 221 3.30 3.52 -35.07
CA VAL A 221 2.47 4.32 -35.94
C VAL A 221 2.94 4.13 -37.36
N ARG A 222 3.83 5.01 -37.89
CA ARG A 222 4.31 5.00 -39.25
C ARG A 222 3.32 5.57 -40.24
N HIS A 223 3.74 6.62 -40.96
CA HIS A 223 2.96 7.27 -41.99
C HIS A 223 2.97 6.46 -43.25
N VAL A 224 1.76 6.05 -43.71
CA VAL A 224 1.53 5.35 -44.96
C VAL A 224 1.74 6.30 -46.10
N SER A 225 2.53 5.86 -47.10
CA SER A 225 2.88 6.69 -48.22
C SER A 225 3.22 5.75 -49.33
N GLY A 226 3.46 6.30 -50.53
CA GLY A 226 3.80 5.57 -51.72
C GLY A 226 5.18 4.98 -51.64
N SER A 227 5.74 4.62 -52.82
CA SER A 227 7.07 4.09 -52.95
C SER A 227 8.11 5.18 -52.81
N SER A 228 7.69 6.45 -52.98
CA SER A 228 8.54 7.60 -52.85
C SER A 228 8.06 8.33 -51.61
N PRO A 229 8.79 8.38 -50.49
CA PRO A 229 8.43 9.15 -49.31
C PRO A 229 8.45 10.64 -49.61
N HIS A 230 7.83 11.47 -48.74
CA HIS A 230 7.84 12.90 -48.89
C HIS A 230 7.87 13.44 -47.48
N PRO A 231 8.59 14.52 -47.19
CA PRO A 231 8.77 15.06 -45.85
C PRO A 231 7.49 15.49 -45.19
N ILE A 232 7.18 14.90 -44.02
CA ILE A 232 6.03 15.23 -43.22
C ILE A 232 6.57 15.05 -41.84
N THR A 233 6.21 15.96 -40.92
CA THR A 233 6.56 15.87 -39.52
C THR A 233 5.23 15.73 -38.86
N SER A 234 5.07 14.75 -37.94
CA SER A 234 3.83 14.50 -37.28
C SER A 234 4.09 14.42 -35.82
N THR A 235 3.04 14.61 -35.01
CA THR A 235 3.09 14.55 -33.59
C THR A 235 1.94 13.68 -33.22
N ILE A 236 2.18 12.68 -32.35
CA ILE A 236 1.21 11.69 -31.96
C ILE A 236 1.07 11.90 -30.49
N ARG A 237 -0.18 11.90 -29.99
CA ARG A 237 -0.50 11.96 -28.60
C ARG A 237 -1.35 10.75 -28.38
N VAL A 238 -1.19 10.10 -27.22
CA VAL A 238 -1.89 8.90 -26.88
C VAL A 238 -2.63 9.24 -25.63
N TYR A 239 -3.92 8.85 -25.55
CA TYR A 239 -4.76 9.01 -24.39
C TYR A 239 -5.13 7.61 -24.02
N PHE A 240 -5.37 7.37 -22.72
CA PHE A 240 -5.51 6.04 -22.20
C PHE A 240 -6.55 6.14 -21.13
N LYS A 241 -7.49 5.17 -21.08
CA LYS A 241 -8.53 5.16 -20.09
C LYS A 241 -8.74 3.73 -19.64
N PRO A 242 -8.58 3.36 -18.37
CA PRO A 242 -9.02 2.08 -17.83
C PRO A 242 -10.50 1.96 -17.92
N LYS A 243 -11.07 0.76 -18.11
CA LYS A 243 -12.50 0.63 -18.30
C LYS A 243 -12.91 -0.68 -17.71
N HIS A 244 -14.00 -0.68 -16.92
CA HIS A 244 -14.57 -1.83 -16.24
C HIS A 244 -13.66 -2.36 -15.17
N THR A 245 -12.99 -1.44 -14.42
CA THR A 245 -11.97 -1.76 -13.45
C THR A 245 -12.52 -2.50 -12.27
N ARG A 246 -11.74 -3.47 -11.76
CA ARG A 246 -11.99 -4.16 -10.52
C ARG A 246 -10.67 -4.08 -9.83
N ALA A 247 -10.64 -4.08 -8.48
CA ALA A 247 -9.42 -3.83 -7.76
C ALA A 247 -9.48 -4.60 -6.50
N TRP A 248 -8.31 -5.06 -6.01
CA TRP A 248 -8.26 -6.00 -4.92
C TRP A 248 -7.06 -5.63 -4.10
N VAL A 249 -7.22 -5.62 -2.76
CA VAL A 249 -6.18 -5.46 -1.76
C VAL A 249 -5.62 -4.05 -1.71
N PRO A 250 -6.01 -3.17 -0.78
CA PRO A 250 -5.46 -1.84 -0.62
C PRO A 250 -3.97 -1.79 -0.32
N ARG A 251 -3.33 -0.62 -0.51
CA ARG A 251 -1.95 -0.37 -0.19
C ARG A 251 -2.02 0.98 0.47
N PRO A 252 -1.06 1.46 1.25
CA PRO A 252 -1.08 2.81 1.75
C PRO A 252 -0.54 3.72 0.67
N PRO A 253 -1.00 4.94 0.44
CA PRO A 253 -0.51 5.84 -0.61
C PRO A 253 0.97 6.10 -0.50
N ARG A 254 1.63 6.34 -1.66
CA ARG A 254 3.04 6.62 -1.80
C ARG A 254 3.39 7.90 -1.08
N LEU A 255 4.59 7.95 -0.45
CA LEU A 255 5.01 9.08 0.34
C LEU A 255 6.21 9.74 -0.29
N CYS A 256 7.13 8.95 -0.89
CA CYS A 256 8.33 9.45 -1.50
C CYS A 256 8.13 9.69 -2.98
N GLN A 257 9.02 10.47 -3.60
CA GLN A 257 9.00 10.73 -5.01
C GLN A 257 9.57 9.55 -5.74
N TYR A 258 9.16 9.36 -7.02
CA TYR A 258 9.60 8.26 -7.84
C TYR A 258 10.90 8.64 -8.46
N LYS A 259 11.89 7.72 -8.44
CA LYS A 259 13.23 7.99 -8.89
C LYS A 259 13.52 7.13 -10.09
N LYS A 260 12.62 6.20 -10.43
CA LYS A 260 12.80 5.26 -11.51
C LYS A 260 11.44 5.00 -12.07
N ALA A 261 11.39 4.35 -13.24
CA ALA A 261 10.17 4.14 -13.97
C ALA A 261 9.79 2.68 -13.88
N PHE A 262 10.54 1.86 -13.14
CA PHE A 262 10.33 0.42 -13.13
C PHE A 262 10.83 -0.14 -11.82
N SER A 263 11.10 0.72 -10.81
CA SER A 263 11.63 0.26 -9.56
C SER A 263 10.86 0.94 -8.49
N VAL A 264 10.98 0.42 -7.25
CA VAL A 264 10.33 0.93 -6.08
C VAL A 264 11.37 1.73 -5.33
N ASP A 265 12.51 2.06 -5.99
CA ASP A 265 13.61 2.81 -5.43
C ASP A 265 13.19 4.18 -4.99
N PHE A 266 13.78 4.67 -3.88
CA PHE A 266 13.33 5.87 -3.24
C PHE A 266 14.47 6.35 -2.39
N THR A 267 14.32 7.57 -1.83
CA THR A 267 15.24 8.15 -0.89
C THR A 267 14.37 8.52 0.28
N PRO A 268 14.58 8.07 1.52
CA PRO A 268 13.86 8.45 2.73
C PRO A 268 13.45 9.89 2.87
N THR A 269 12.21 10.17 3.33
CA THR A 269 11.68 11.50 3.47
C THR A 269 11.08 11.62 4.85
N PRO A 270 10.96 12.80 5.46
CA PRO A 270 10.26 13.02 6.70
C PRO A 270 8.82 12.61 6.64
N ILE A 271 8.24 12.16 7.79
CA ILE A 271 6.89 11.69 7.91
C ILE A 271 5.90 12.80 7.61
N THR A 272 6.15 14.01 8.14
CA THR A 272 5.22 15.11 8.00
C THR A 272 6.02 16.36 8.27
N ASP A 273 5.39 17.53 8.01
CA ASP A 273 5.99 18.84 8.13
C ASP A 273 5.90 19.27 9.56
N THR A 274 7.04 19.73 10.13
CA THR A 274 7.16 20.14 11.50
C THR A 274 6.30 21.31 11.89
N ARG A 275 5.90 21.34 13.18
CA ARG A 275 5.01 22.32 13.75
C ARG A 275 5.88 23.38 14.37
N LYS A 276 6.04 23.37 15.72
CA LYS A 276 6.86 24.36 16.38
C LYS A 276 6.89 23.92 17.81
N ASP A 277 5.70 23.65 18.39
CA ASP A 277 5.56 23.22 19.74
C ASP A 277 4.29 22.41 19.71
N ILE A 278 4.09 21.51 20.70
CA ILE A 278 3.01 20.57 20.70
C ILE A 278 1.71 21.23 21.10
N ASN A 279 1.77 22.45 21.68
CA ASN A 279 0.61 23.18 22.14
C ASN A 279 0.22 24.25 21.16
N THR A 280 0.92 24.35 20.00
CA THR A 280 0.63 25.33 18.97
C THR A 280 -0.54 24.84 18.18
N VAL A 281 -1.59 25.67 18.02
CA VAL A 281 -2.80 25.27 17.34
C VAL A 281 -3.31 26.44 16.54
N THR A 282 -2.49 27.51 16.35
CA THR A 282 -2.88 28.67 15.59
C THR A 282 -3.18 28.33 14.15
N THR A 283 -4.18 29.03 13.55
CA THR A 283 -4.59 28.79 12.19
C THR A 283 -3.53 29.36 11.22
N ARG B 14 -7.63 -19.49 31.92
CA ARG B 14 -7.89 -20.26 30.69
C ARG B 14 -6.62 -20.67 29.99
N SER B 15 -6.77 -21.45 28.90
CA SER B 15 -5.70 -21.91 28.06
C SER B 15 -6.34 -22.90 27.13
N ILE B 16 -6.25 -22.64 25.81
CA ILE B 16 -6.95 -23.42 24.81
C ILE B 16 -6.25 -24.74 24.56
N THR B 17 -4.90 -24.76 24.73
CA THR B 17 -4.05 -25.93 24.60
C THR B 17 -4.19 -26.67 23.28
N LEU B 18 -3.94 -25.95 22.17
CA LEU B 18 -3.97 -26.44 20.80
C LEU B 18 -2.97 -27.53 20.58
N GLY B 19 -3.27 -28.52 19.71
CA GLY B 19 -2.41 -29.65 19.46
C GLY B 19 -2.53 -30.01 18.01
N ASN B 20 -1.48 -30.63 17.43
CA ASN B 20 -1.44 -31.07 16.05
C ASN B 20 -0.38 -32.16 15.90
N SER B 21 0.39 -32.41 16.99
CA SER B 21 1.56 -33.27 17.13
C SER B 21 2.58 -32.40 17.83
N THR B 22 2.25 -31.11 18.00
CA THR B 22 3.05 -30.13 18.68
C THR B 22 2.02 -29.38 19.46
N ILE B 23 2.25 -29.19 20.78
CA ILE B 23 1.26 -28.63 21.67
C ILE B 23 1.75 -27.26 22.00
N THR B 24 0.87 -26.25 21.91
CA THR B 24 1.16 -24.89 22.32
C THR B 24 0.00 -24.47 23.16
N THR B 25 0.29 -23.94 24.35
CA THR B 25 -0.72 -23.47 25.27
C THR B 25 -0.65 -21.97 25.12
N GLN B 26 -1.81 -21.30 25.01
CA GLN B 26 -1.83 -19.88 24.81
C GLN B 26 -3.16 -19.30 25.18
N GLU B 27 -3.22 -17.94 25.24
CA GLU B 27 -4.36 -17.11 25.52
C GLU B 27 -4.68 -17.18 27.02
N ALA B 29 -7.64 -11.01 23.89
CA ALA B 29 -7.42 -10.94 22.43
C ALA B 29 -8.17 -12.02 21.71
N ASN B 30 -8.16 -11.97 20.37
CA ASN B 30 -8.85 -12.93 19.55
C ASN B 30 -8.22 -12.89 18.19
N VAL B 31 -8.47 -13.95 17.39
CA VAL B 31 -7.98 -14.16 16.05
C VAL B 31 -8.45 -13.07 15.12
N VAL B 32 -7.56 -12.63 14.22
CA VAL B 32 -7.82 -11.63 13.21
C VAL B 32 -7.67 -12.43 11.96
N VAL B 33 -8.80 -12.71 11.27
CA VAL B 33 -8.78 -13.45 10.03
C VAL B 33 -8.58 -12.46 8.93
N GLY B 34 -7.52 -12.68 8.12
CA GLY B 34 -7.02 -11.92 6.99
C GLY B 34 -7.95 -10.88 6.44
N TYR B 35 -8.75 -11.27 5.46
CA TYR B 35 -9.66 -10.40 4.78
C TYR B 35 -11.05 -10.93 4.99
N GLY B 36 -11.22 -11.80 6.00
CA GLY B 36 -12.46 -12.43 6.32
C GLY B 36 -12.60 -13.69 5.55
N ARG B 37 -11.46 -14.30 5.18
CA ARG B 37 -11.41 -15.48 4.35
C ARG B 37 -10.47 -16.41 5.03
N TRP B 38 -10.91 -17.67 5.22
CA TRP B 38 -10.13 -18.70 5.87
C TRP B 38 -9.38 -19.43 4.80
N PRO B 39 -8.20 -20.00 5.05
CA PRO B 39 -7.49 -20.87 4.13
C PRO B 39 -8.36 -21.98 3.61
N THR B 40 -8.29 -22.32 2.31
CA THR B 40 -9.24 -23.26 1.77
C THR B 40 -8.59 -23.94 0.61
N TYR B 41 -8.95 -25.23 0.38
CA TYR B 41 -8.53 -26.00 -0.77
C TYR B 41 -9.16 -25.46 -2.01
N LEU B 42 -8.44 -25.61 -3.15
CA LEU B 42 -8.85 -25.11 -4.43
C LEU B 42 -9.96 -25.99 -4.95
N ARG B 43 -11.18 -25.44 -4.99
CA ARG B 43 -12.36 -26.14 -5.43
C ARG B 43 -13.01 -25.39 -6.54
N GLU B 50 -8.32 -34.09 -14.11
CA GLU B 50 -8.24 -33.16 -15.25
C GLU B 50 -6.91 -33.34 -15.94
N ASP B 51 -6.29 -32.22 -16.37
CA ASP B 51 -5.00 -32.17 -16.99
C ASP B 51 -4.05 -31.62 -15.95
N GLN B 52 -4.57 -31.19 -14.77
CA GLN B 52 -3.79 -30.78 -13.64
C GLN B 52 -4.30 -31.63 -12.52
N PRO B 53 -3.61 -32.64 -12.01
CA PRO B 53 -4.22 -33.57 -11.09
C PRO B 53 -4.40 -33.03 -9.68
N THR B 54 -3.35 -32.40 -9.10
CA THR B 54 -3.24 -31.91 -7.73
C THR B 54 -3.44 -33.01 -6.68
N GLN B 55 -3.17 -32.67 -5.40
CA GLN B 55 -3.30 -33.55 -4.27
C GLN B 55 -2.73 -32.84 -3.07
N PRO B 56 -3.39 -32.81 -1.92
CA PRO B 56 -2.89 -32.12 -0.75
C PRO B 56 -2.06 -33.04 0.10
N ASP B 57 -1.22 -32.45 0.97
CA ASP B 57 -0.42 -33.16 1.94
C ASP B 57 -0.88 -32.57 3.25
N VAL B 58 -1.48 -33.42 4.11
CA VAL B 58 -2.15 -32.99 5.32
C VAL B 58 -1.27 -33.30 6.50
N ALA B 59 -0.03 -33.76 6.25
CA ALA B 59 0.89 -34.11 7.30
C ALA B 59 1.85 -32.99 7.55
N THR B 60 1.66 -31.82 6.88
CA THR B 60 2.53 -30.67 7.02
C THR B 60 1.96 -29.72 8.02
N CYS B 61 0.73 -29.96 8.49
CA CYS B 61 0.03 -29.09 9.40
C CYS B 61 0.50 -29.45 10.77
N ARG B 62 1.14 -28.49 11.47
CA ARG B 62 1.79 -28.67 12.74
C ARG B 62 2.60 -27.44 12.92
N PHE B 63 2.78 -26.99 14.17
CA PHE B 63 3.52 -25.82 14.53
C PHE B 63 5.00 -25.95 14.28
N TYR B 64 5.65 -24.85 13.85
CA TYR B 64 7.07 -24.77 13.65
C TYR B 64 7.44 -23.51 14.36
N THR B 65 8.28 -23.62 15.42
CA THR B 65 8.58 -22.48 16.27
C THR B 65 9.94 -21.96 15.92
N LEU B 66 9.99 -20.74 15.36
CA LEU B 66 11.20 -20.02 15.03
C LEU B 66 11.86 -19.55 16.30
N ASP B 67 13.19 -19.33 16.26
CA ASP B 67 14.01 -18.87 17.37
C ASP B 67 13.55 -17.55 17.93
N SER B 68 13.72 -17.36 19.26
CA SER B 68 13.32 -16.18 19.99
C SER B 68 14.18 -15.00 19.61
N ILE B 69 13.58 -13.79 19.62
CA ILE B 69 14.22 -12.56 19.24
C ILE B 69 14.20 -11.68 20.44
N LYS B 70 15.37 -11.12 20.82
CA LYS B 70 15.49 -10.24 21.94
C LYS B 70 15.07 -8.84 21.59
N TRP B 71 14.02 -8.32 22.28
CA TRP B 71 13.56 -6.97 22.15
C TRP B 71 14.27 -6.25 23.25
N GLU B 72 15.10 -5.25 22.90
CA GLU B 72 15.89 -4.52 23.85
C GLU B 72 15.56 -3.09 23.66
N LYS B 73 16.32 -2.19 24.31
CA LYS B 73 16.16 -0.76 24.16
C LYS B 73 16.67 -0.26 22.85
N GLY B 74 17.56 -1.01 22.18
CA GLY B 74 18.16 -0.60 20.94
C GLY B 74 17.27 -0.83 19.76
N SER B 75 16.89 -2.11 19.51
CA SER B 75 16.09 -2.61 18.40
C SER B 75 14.97 -1.74 17.91
N VAL B 76 14.78 -1.69 16.56
CA VAL B 76 13.81 -0.82 15.95
C VAL B 76 12.91 -1.56 14.99
N GLY B 77 13.07 -2.89 14.79
CA GLY B 77 12.14 -3.64 13.98
C GLY B 77 12.78 -4.87 13.42
N TRP B 78 11.96 -5.72 12.76
CA TRP B 78 12.35 -7.03 12.29
C TRP B 78 11.45 -7.40 11.14
N TRP B 79 11.82 -8.40 10.30
CA TRP B 79 10.95 -8.85 9.24
C TRP B 79 11.38 -10.24 8.84
N TRP B 80 10.45 -11.02 8.22
CA TRP B 80 10.69 -12.35 7.71
C TRP B 80 9.90 -12.49 6.45
N LYS B 81 10.50 -13.05 5.37
CA LYS B 81 9.79 -13.35 4.14
C LYS B 81 9.29 -14.75 4.19
N PHE B 82 8.03 -14.98 3.76
CA PHE B 82 7.39 -16.27 3.73
C PHE B 82 7.10 -16.57 2.29
N PRO B 83 7.21 -17.78 1.79
CA PRO B 83 7.40 -19.01 2.54
C PRO B 83 8.83 -19.43 2.44
N GLU B 84 9.78 -18.48 2.50
CA GLU B 84 11.18 -18.77 2.42
C GLU B 84 11.74 -18.88 3.81
N ALA B 85 10.90 -18.71 4.86
CA ALA B 85 11.34 -18.77 6.22
C ALA B 85 11.08 -20.14 6.78
N LEU B 86 10.35 -21.00 6.02
CA LEU B 86 10.00 -22.32 6.46
C LEU B 86 10.62 -23.29 5.50
N SER B 87 11.66 -22.85 4.75
CA SER B 87 12.27 -23.66 3.72
C SER B 87 13.16 -24.75 4.27
N ASP B 88 13.63 -24.61 5.53
CA ASP B 88 14.57 -25.55 6.12
C ASP B 88 13.85 -26.43 7.10
N MET B 89 12.53 -26.24 7.28
CA MET B 89 11.72 -26.99 8.21
C MET B 89 11.44 -28.34 7.61
N GLY B 90 11.29 -29.37 8.46
CA GLY B 90 11.10 -30.73 8.00
C GLY B 90 9.75 -30.93 7.40
N LEU B 91 9.72 -31.59 6.23
CA LEU B 91 8.57 -31.99 5.45
C LEU B 91 7.99 -30.88 4.64
N PHE B 92 7.61 -29.74 5.26
CA PHE B 92 7.06 -28.60 4.57
C PHE B 92 8.10 -28.01 3.65
N GLY B 93 9.38 -28.02 4.09
CA GLY B 93 10.49 -27.50 3.36
C GLY B 93 11.02 -28.50 2.38
N GLN B 94 10.55 -29.77 2.44
CA GLN B 94 10.99 -30.81 1.53
C GLN B 94 10.03 -30.97 0.41
N ASN B 95 8.81 -30.41 0.51
CA ASN B 95 7.83 -30.49 -0.53
C ASN B 95 8.09 -29.40 -1.53
N MET B 96 8.90 -28.39 -1.13
CA MET B 96 9.32 -27.32 -1.99
C MET B 96 10.41 -27.80 -2.91
N GLN B 97 11.10 -28.90 -2.55
CA GLN B 97 12.19 -29.46 -3.31
C GLN B 97 11.66 -30.35 -4.40
N TYR B 98 10.43 -30.91 -4.22
CA TYR B 98 9.91 -31.92 -5.08
C TYR B 98 8.93 -31.28 -5.99
N HIS B 99 7.72 -30.98 -5.48
CA HIS B 99 6.63 -30.37 -6.20
C HIS B 99 7.04 -28.99 -6.61
N TYR B 100 6.63 -28.52 -7.81
CA TYR B 100 7.16 -27.30 -8.38
C TYR B 100 6.08 -26.25 -8.40
N LEU B 101 4.88 -26.54 -7.86
CA LEU B 101 3.79 -25.60 -7.75
C LEU B 101 3.15 -25.95 -6.46
N GLY B 102 2.79 -24.92 -5.66
CA GLY B 102 2.22 -25.14 -4.36
C GLY B 102 1.42 -23.94 -3.98
N ARG B 103 0.68 -24.07 -2.86
CA ARG B 103 -0.08 -23.02 -2.26
C ARG B 103 -0.28 -23.45 -0.85
N ALA B 104 -0.78 -22.55 0.03
CA ALA B 104 -0.99 -22.82 1.44
C ALA B 104 -1.25 -21.51 2.11
N GLY B 105 -2.14 -21.51 3.13
CA GLY B 105 -2.38 -20.41 4.02
C GLY B 105 -1.53 -20.64 5.24
N TYR B 106 -1.70 -19.81 6.31
CA TYR B 106 -0.86 -19.89 7.48
C TYR B 106 -1.64 -19.43 8.67
N THR B 107 -1.14 -19.80 9.87
CA THR B 107 -1.66 -19.34 11.14
C THR B 107 -0.42 -18.97 11.89
N ILE B 108 -0.31 -17.70 12.31
CA ILE B 108 0.89 -17.15 12.90
C ILE B 108 0.50 -16.69 14.27
N HIS B 109 1.28 -17.08 15.31
CA HIS B 109 1.07 -16.67 16.68
C HIS B 109 2.34 -16.01 17.13
N VAL B 110 2.30 -14.68 17.38
CA VAL B 110 3.41 -13.92 17.90
C VAL B 110 3.07 -13.68 19.34
N GLN B 111 3.99 -13.99 20.28
CA GLN B 111 3.70 -13.86 21.69
C GLN B 111 4.93 -13.50 22.45
N CYS B 112 4.77 -12.57 23.42
CA CYS B 112 5.81 -12.03 24.28
C CYS B 112 5.59 -12.47 25.68
N ASN B 113 6.65 -12.37 26.52
CA ASN B 113 6.61 -12.68 27.92
C ASN B 113 7.27 -11.51 28.60
N ALA B 114 6.54 -10.81 29.49
CA ALA B 114 7.05 -9.63 30.12
C ALA B 114 6.28 -9.46 31.39
N SER B 115 6.78 -8.57 32.28
CA SER B 115 6.20 -8.33 33.59
C SER B 115 5.24 -7.20 33.46
N LYS B 116 4.84 -6.61 34.61
CA LYS B 116 3.98 -5.46 34.66
C LYS B 116 4.81 -4.24 34.88
N PHE B 117 6.14 -4.40 35.00
CA PHE B 117 7.07 -3.34 35.26
C PHE B 117 7.86 -3.08 34.01
N HIS B 118 7.32 -3.52 32.84
CA HIS B 118 7.87 -3.26 31.54
C HIS B 118 6.78 -2.54 30.78
N GLN B 119 7.12 -1.87 29.67
CA GLN B 119 6.17 -1.15 28.87
C GLN B 119 6.63 -1.16 27.46
N GLY B 120 5.69 -1.06 26.48
CA GLY B 120 6.07 -1.10 25.08
C GLY B 120 4.81 -1.30 24.28
N CYS B 121 4.94 -1.25 22.95
CA CYS B 121 3.84 -1.44 22.04
C CYS B 121 4.51 -2.10 20.86
N LEU B 122 3.82 -3.00 20.14
CA LEU B 122 4.34 -3.64 18.94
C LEU B 122 3.22 -3.61 17.95
N LEU B 123 3.57 -3.68 16.65
CA LEU B 123 2.62 -3.81 15.58
C LEU B 123 3.00 -5.01 14.81
N VAL B 124 2.18 -6.08 14.89
CA VAL B 124 2.33 -7.30 14.13
C VAL B 124 1.52 -7.07 12.89
N VAL B 125 2.10 -7.24 11.68
CA VAL B 125 1.42 -6.90 10.45
C VAL B 125 1.92 -7.84 9.39
N CYS B 126 1.03 -8.27 8.45
CA CYS B 126 1.38 -9.13 7.32
C CYS B 126 1.10 -8.37 6.06
N VAL B 127 2.15 -8.02 5.29
CA VAL B 127 2.05 -7.19 4.11
C VAL B 127 2.16 -8.08 2.91
N PRO B 128 1.16 -8.28 2.05
CA PRO B 128 1.28 -9.16 0.91
C PRO B 128 1.96 -8.46 -0.22
N GLU B 129 2.95 -9.13 -0.84
CA GLU B 129 3.75 -8.68 -1.97
C GLU B 129 4.43 -7.38 -1.72
N ALA B 130 5.29 -7.35 -0.69
CA ALA B 130 6.02 -6.16 -0.33
C ALA B 130 7.31 -6.11 -1.08
N GLU B 131 7.38 -5.27 -2.13
CA GLU B 131 8.61 -4.99 -2.81
C GLU B 131 9.39 -4.03 -1.98
N MET B 132 10.73 -4.12 -2.03
CA MET B 132 11.58 -3.30 -1.23
C MET B 132 12.61 -2.73 -2.14
N GLY B 133 12.74 -1.38 -2.17
CA GLY B 133 13.67 -0.70 -3.03
C GLY B 133 15.02 -0.77 -2.39
N GLY B 134 16.10 -0.78 -3.21
CA GLY B 134 17.44 -0.94 -2.73
C GLY B 134 17.94 0.33 -2.11
N ALA B 135 19.08 0.24 -1.39
CA ALA B 135 19.78 1.37 -0.84
C ALA B 135 20.79 1.71 -1.88
N VAL B 136 20.85 3.00 -2.27
CA VAL B 136 21.61 3.51 -3.39
C VAL B 136 20.77 3.24 -4.61
N VAL B 137 20.10 4.28 -5.14
CA VAL B 137 19.14 4.18 -6.22
C VAL B 137 19.79 3.67 -7.47
N GLY B 138 19.10 2.73 -8.16
CA GLY B 138 19.52 2.18 -9.43
C GLY B 138 20.57 1.13 -9.28
N GLN B 139 20.56 0.39 -8.15
CA GLN B 139 21.55 -0.62 -7.86
C GLN B 139 20.83 -1.88 -7.51
N ALA B 140 21.31 -3.00 -8.08
CA ALA B 140 20.77 -4.32 -7.88
C ALA B 140 21.37 -4.86 -6.63
N PHE B 141 20.66 -5.80 -5.98
CA PHE B 141 21.10 -6.43 -4.76
C PHE B 141 20.80 -7.88 -4.90
N SER B 142 21.41 -8.70 -4.02
CA SER B 142 21.32 -10.14 -4.03
C SER B 142 20.04 -10.55 -3.37
N ALA B 143 19.73 -11.86 -3.38
CA ALA B 143 18.55 -12.39 -2.75
C ALA B 143 18.83 -12.79 -1.33
N THR B 144 20.05 -12.52 -0.84
CA THR B 144 20.45 -12.78 0.52
C THR B 144 20.48 -11.45 1.25
N ALA B 145 19.84 -10.43 0.66
CA ALA B 145 19.75 -9.13 1.24
C ALA B 145 18.38 -8.93 1.82
N MET B 146 17.55 -10.01 1.93
CA MET B 146 16.25 -9.88 2.51
C MET B 146 15.67 -11.20 2.89
N ALA B 147 16.28 -12.32 2.48
CA ALA B 147 15.75 -13.62 2.81
C ALA B 147 16.91 -14.53 2.84
N ASN B 148 16.96 -15.43 3.84
CA ASN B 148 18.02 -16.40 3.98
C ASN B 148 17.64 -17.13 5.23
N GLY B 149 17.41 -18.46 5.11
CA GLY B 149 17.02 -19.33 6.20
C GLY B 149 15.78 -18.84 6.89
N ASP B 150 15.74 -19.00 8.23
CA ASP B 150 14.64 -18.52 9.04
C ASP B 150 15.11 -17.32 9.82
N LYS B 151 16.27 -16.74 9.45
CA LYS B 151 16.89 -15.63 10.13
C LYS B 151 16.04 -14.41 10.01
N ALA B 152 15.98 -13.59 11.10
CA ALA B 152 15.19 -12.40 11.14
C ALA B 152 16.09 -11.28 10.72
N TYR B 153 15.60 -10.45 9.78
CA TYR B 153 16.27 -9.27 9.29
C TYR B 153 15.92 -8.14 10.21
N GLU B 154 16.56 -6.97 10.05
CA GLU B 154 16.46 -5.90 11.01
C GLU B 154 16.42 -4.60 10.29
N PHE B 155 15.53 -3.70 10.73
CA PHE B 155 15.45 -2.35 10.24
C PHE B 155 16.44 -1.54 10.99
N THR B 156 16.88 -0.38 10.43
CA THR B 156 17.84 0.50 11.04
C THR B 156 17.19 1.85 11.18
N SER B 157 17.48 2.56 12.30
CA SER B 157 16.97 3.89 12.57
C SER B 157 17.40 4.91 11.56
N ALA B 158 18.70 4.89 11.17
CA ALA B 158 19.28 5.85 10.27
C ALA B 158 19.25 5.24 8.90
N THR B 159 19.31 6.10 7.85
CA THR B 159 19.24 5.67 6.47
C THR B 159 20.42 4.79 6.12
N GLN B 160 20.15 3.69 5.38
CA GLN B 160 21.13 2.76 4.89
C GLN B 160 21.90 3.45 3.80
N SER B 161 23.19 3.09 3.63
CA SER B 161 24.03 3.72 2.66
C SER B 161 25.11 2.71 2.40
N ASP B 162 24.72 1.55 1.86
CA ASP B 162 25.61 0.46 1.60
C ASP B 162 25.10 -0.10 0.31
N GLN B 163 26.04 -0.46 -0.59
CA GLN B 163 25.82 -0.90 -1.94
C GLN B 163 24.95 -2.12 -2.06
N THR B 164 25.17 -3.14 -1.20
CA THR B 164 24.49 -4.41 -1.28
C THR B 164 23.57 -4.57 -0.11
N LYS B 165 22.60 -3.64 0.02
CA LYS B 165 21.63 -3.70 1.09
C LYS B 165 20.37 -3.12 0.56
N VAL B 166 19.25 -3.51 1.20
CA VAL B 166 17.93 -2.95 1.01
C VAL B 166 17.89 -1.69 1.84
N GLN B 167 17.12 -0.66 1.43
CA GLN B 167 16.92 0.55 2.20
C GLN B 167 16.11 0.19 3.41
N THR B 168 16.72 0.30 4.60
CA THR B 168 16.15 -0.18 5.83
C THR B 168 15.76 0.91 6.78
N ALA B 169 15.50 2.15 6.30
CA ALA B 169 15.00 3.22 7.13
C ALA B 169 13.64 2.84 7.66
N ILE B 170 13.44 2.95 8.99
CA ILE B 170 12.30 2.40 9.67
C ILE B 170 11.06 3.21 9.43
N HIS B 171 11.20 4.52 9.12
CA HIS B 171 10.07 5.40 9.01
C HIS B 171 9.52 5.43 7.62
N ASN B 172 9.99 4.54 6.72
CA ASN B 172 9.49 4.45 5.37
C ASN B 172 9.12 3.03 5.11
N ALA B 173 9.47 2.11 6.03
CA ALA B 173 9.16 0.71 5.99
C ALA B 173 9.91 -0.03 4.91
N GLY B 174 10.81 0.65 4.19
CA GLY B 174 11.60 0.06 3.14
C GLY B 174 10.78 -0.04 1.88
N MET B 175 9.82 0.89 1.66
CA MET B 175 8.93 0.81 0.52
C MET B 175 8.53 2.20 0.13
N GLY B 176 8.93 3.24 0.91
CA GLY B 176 8.61 4.61 0.61
C GLY B 176 7.19 4.96 0.90
N VAL B 177 6.64 4.47 2.04
CA VAL B 177 5.26 4.71 2.43
C VAL B 177 5.33 5.11 3.87
N GLY B 178 4.23 5.68 4.42
CA GLY B 178 4.15 6.03 5.82
C GLY B 178 4.16 4.78 6.66
N VAL B 179 4.88 4.80 7.79
CA VAL B 179 4.97 3.65 8.67
C VAL B 179 3.75 3.58 9.54
N GLY B 180 2.99 4.70 9.64
CA GLY B 180 1.82 4.80 10.46
C GLY B 180 0.63 4.24 9.76
N ASN B 181 0.70 4.12 8.42
CA ASN B 181 -0.41 3.72 7.58
C ASN B 181 -0.29 2.26 7.23
N LEU B 182 0.53 1.46 7.95
CA LEU B 182 0.62 0.03 7.69
C LEU B 182 -0.44 -0.72 8.45
N THR B 183 -1.46 -0.02 8.93
CA THR B 183 -2.58 -0.61 9.63
C THR B 183 -3.70 -0.80 8.63
N ILE B 184 -3.37 -0.85 7.33
CA ILE B 184 -4.28 -1.07 6.24
C ILE B 184 -4.21 -2.51 5.81
N TYR B 185 -3.33 -3.30 6.47
CA TYR B 185 -3.08 -4.69 6.16
C TYR B 185 -3.49 -5.45 7.38
N PRO B 186 -3.73 -6.77 7.38
CA PRO B 186 -4.04 -7.56 8.57
C PRO B 186 -3.07 -7.34 9.69
N HIS B 187 -3.52 -6.97 10.90
CA HIS B 187 -2.60 -6.54 11.91
C HIS B 187 -3.24 -6.69 13.26
N GLN B 188 -2.43 -6.61 14.32
CA GLN B 188 -2.92 -6.56 15.67
C GLN B 188 -1.83 -5.91 16.47
N TRP B 189 -2.19 -5.25 17.59
CA TRP B 189 -1.27 -4.52 18.42
C TRP B 189 -1.05 -5.25 19.70
N ILE B 190 0.22 -5.52 20.06
CA ILE B 190 0.58 -6.11 21.33
C ILE B 190 1.02 -4.97 22.20
N ASN B 191 0.11 -4.45 23.04
CA ASN B 191 0.38 -3.44 24.04
C ASN B 191 0.66 -4.21 25.30
N LEU B 192 1.85 -4.04 25.91
CA LEU B 192 2.29 -4.88 27.01
C LEU B 192 1.52 -4.69 28.29
N ARG B 193 0.73 -3.61 28.44
CA ARG B 193 0.01 -3.37 29.67
C ARG B 193 -1.41 -3.83 29.55
N THR B 194 -1.74 -4.64 28.52
CA THR B 194 -3.10 -5.09 28.28
C THR B 194 -3.02 -6.54 27.93
N ASN B 195 -2.41 -6.89 26.78
CA ASN B 195 -2.33 -8.23 26.27
C ASN B 195 -0.87 -8.49 26.04
N ASN B 196 -0.54 -9.60 25.35
CA ASN B 196 0.82 -10.02 25.21
C ASN B 196 0.87 -11.05 24.11
N SER B 197 -0.17 -11.13 23.25
CA SER B 197 -0.27 -12.15 22.24
C SER B 197 -1.11 -11.61 21.13
N ALA B 198 -0.90 -12.14 19.91
CA ALA B 198 -1.60 -11.74 18.72
C ALA B 198 -1.62 -12.94 17.83
N THR B 199 -2.67 -13.07 16.99
CA THR B 199 -2.83 -14.19 16.10
C THR B 199 -3.38 -13.62 14.83
N ILE B 200 -2.81 -14.02 13.68
CA ILE B 200 -3.24 -13.62 12.37
C ILE B 200 -3.32 -14.88 11.58
N VAL B 201 -4.47 -15.13 10.90
CA VAL B 201 -4.66 -16.27 10.03
C VAL B 201 -4.71 -15.70 8.66
N MET B 202 -3.64 -15.93 7.85
CA MET B 202 -3.49 -15.35 6.54
C MET B 202 -3.96 -16.34 5.50
N PRO B 203 -4.80 -16.03 4.51
CA PRO B 203 -5.18 -16.95 3.45
C PRO B 203 -4.22 -16.80 2.32
N TYR B 204 -4.35 -17.62 1.25
CA TYR B 204 -3.48 -17.57 0.09
C TYR B 204 -3.99 -16.48 -0.83
N ILE B 205 -3.13 -15.49 -1.15
CA ILE B 205 -3.49 -14.37 -1.97
C ILE B 205 -2.46 -14.32 -3.05
N ASN B 206 -2.89 -14.47 -4.32
CA ASN B 206 -2.00 -14.38 -5.44
C ASN B 206 -2.92 -14.20 -6.62
N SER B 207 -2.36 -13.84 -7.80
CA SER B 207 -3.10 -13.59 -9.01
C SER B 207 -3.20 -14.83 -9.87
N VAL B 208 -2.67 -15.97 -9.42
CA VAL B 208 -2.72 -17.22 -10.14
C VAL B 208 -3.12 -18.24 -9.10
N PRO B 209 -3.57 -19.44 -9.42
CA PRO B 209 -3.94 -20.41 -8.42
C PRO B 209 -2.78 -21.01 -7.67
N MET B 210 -1.65 -21.31 -8.34
CA MET B 210 -0.50 -21.88 -7.68
C MET B 210 0.70 -21.28 -8.33
N ASP B 211 1.83 -21.22 -7.60
CA ASP B 211 3.02 -20.57 -8.08
C ASP B 211 4.16 -21.29 -7.42
N ASN B 212 5.36 -21.22 -8.06
CA ASN B 212 6.60 -21.79 -7.59
C ASN B 212 6.97 -21.16 -6.28
N MET B 213 7.46 -21.98 -5.33
CA MET B 213 7.70 -21.61 -3.97
C MET B 213 8.99 -20.87 -3.76
N PHE B 214 9.95 -20.93 -4.71
CA PHE B 214 11.24 -20.32 -4.54
C PHE B 214 11.41 -19.06 -5.34
N ARG B 215 10.49 -18.75 -6.27
CA ARG B 215 10.67 -17.62 -7.16
C ARG B 215 9.83 -16.48 -6.69
N HIS B 216 9.09 -16.63 -5.58
CA HIS B 216 8.12 -15.63 -5.22
C HIS B 216 8.00 -15.69 -3.74
N TYR B 217 7.75 -14.52 -3.10
CA TYR B 217 7.51 -14.42 -1.69
C TYR B 217 6.13 -13.86 -1.59
N ASN B 218 5.17 -14.66 -1.06
CA ASN B 218 3.79 -14.28 -0.96
C ASN B 218 3.56 -13.10 -0.07
N PHE B 219 4.24 -13.01 1.09
CA PHE B 219 4.02 -11.91 1.99
C PHE B 219 5.20 -11.85 2.90
N THR B 220 5.23 -10.82 3.76
CA THR B 220 6.27 -10.63 4.73
C THR B 220 5.56 -10.38 6.03
N LEU B 221 6.22 -10.70 7.15
CA LEU B 221 5.72 -10.52 8.49
C LEU B 221 6.62 -9.48 9.03
N MET B 222 6.11 -8.56 9.87
CA MET B 222 6.93 -7.51 10.42
C MET B 222 6.45 -7.28 11.82
N VAL B 223 7.41 -6.96 12.71
CA VAL B 223 7.16 -6.59 14.08
C VAL B 223 7.87 -5.28 14.20
N ILE B 224 7.12 -4.19 14.52
CA ILE B 224 7.66 -2.85 14.55
C ILE B 224 7.35 -2.27 15.90
N PRO B 225 8.30 -1.90 16.74
CA PRO B 225 8.02 -1.38 18.05
C PRO B 225 7.86 0.12 18.00
N PHE B 226 6.63 0.63 18.17
CA PHE B 226 6.37 2.01 18.47
C PHE B 226 6.41 2.01 19.97
N VAL B 227 6.97 3.06 20.61
CA VAL B 227 7.19 3.12 22.04
C VAL B 227 8.24 2.12 22.45
N LYS B 228 9.46 2.62 22.73
CA LYS B 228 10.60 1.79 23.09
C LYS B 228 10.43 1.16 24.44
N LEU B 229 11.04 -0.03 24.61
CA LEU B 229 11.01 -0.82 25.83
C LEU B 229 11.70 -0.06 26.93
N ASP B 230 11.19 -0.12 28.17
CA ASP B 230 11.80 0.55 29.29
C ASP B 230 11.42 -0.29 30.46
N TYR B 231 12.25 -0.35 31.53
CA TYR B 231 12.05 -1.38 32.52
C TYR B 231 12.66 -1.04 33.85
N ALA B 232 13.08 0.21 34.10
CA ALA B 232 13.68 0.61 35.36
C ALA B 232 14.97 -0.12 35.64
N ASP B 233 15.27 -0.43 36.92
CA ASP B 233 16.55 -0.97 37.34
C ASP B 233 16.34 -2.33 37.92
N THR B 234 17.38 -3.19 37.80
CA THR B 234 17.48 -4.55 38.29
C THR B 234 16.34 -5.43 37.87
N ALA B 235 15.99 -5.38 36.57
CA ALA B 235 14.96 -6.19 35.98
C ALA B 235 15.58 -6.66 34.71
N SER B 236 14.96 -7.67 34.06
CA SER B 236 15.47 -8.29 32.85
C SER B 236 15.58 -7.25 31.77
N THR B 237 16.67 -7.30 30.99
CA THR B 237 17.02 -6.26 30.06
C THR B 237 16.48 -6.52 28.68
N TYR B 238 15.59 -7.53 28.53
CA TYR B 238 15.07 -7.85 27.24
C TYR B 238 13.78 -8.58 27.48
N VAL B 239 12.93 -8.62 26.44
CA VAL B 239 11.66 -9.31 26.44
C VAL B 239 11.75 -10.20 25.23
N PRO B 240 11.54 -11.51 25.28
CA PRO B 240 11.67 -12.37 24.10
C PRO B 240 10.39 -12.35 23.33
N ILE B 241 10.46 -12.46 21.99
CA ILE B 241 9.33 -12.49 21.10
C ILE B 241 9.47 -13.81 20.40
N THR B 242 8.38 -14.63 20.33
CA THR B 242 8.44 -15.97 19.82
C THR B 242 7.38 -16.10 18.77
N VAL B 243 7.80 -16.40 17.51
CA VAL B 243 6.94 -16.56 16.38
C VAL B 243 6.74 -18.04 16.19
N THR B 244 5.49 -18.48 15.93
CA THR B 244 5.12 -19.87 15.74
C THR B 244 4.22 -19.89 14.54
N VAL B 245 4.49 -20.74 13.53
CA VAL B 245 3.74 -20.73 12.28
C VAL B 245 3.39 -22.15 11.95
N ALA B 246 2.10 -22.41 11.61
CA ALA B 246 1.65 -23.71 11.14
C ALA B 246 0.95 -23.50 9.82
N PRO B 247 1.36 -24.05 8.67
CA PRO B 247 0.64 -23.96 7.41
C PRO B 247 -0.69 -24.65 7.47
N MET B 248 -1.74 -24.07 6.83
CA MET B 248 -3.06 -24.60 6.82
C MET B 248 -3.48 -24.78 5.40
N CYS B 249 -4.04 -25.96 5.05
CA CYS B 249 -4.59 -26.27 3.76
C CYS B 249 -3.63 -26.11 2.61
N ALA B 250 -2.48 -26.84 2.67
CA ALA B 250 -1.46 -26.80 1.66
C ALA B 250 -1.82 -27.78 0.58
N GLU B 251 -1.53 -27.44 -0.69
CA GLU B 251 -1.89 -28.30 -1.80
C GLU B 251 -0.86 -28.14 -2.87
N TYR B 252 -0.53 -29.25 -3.59
CA TYR B 252 0.56 -29.30 -4.55
C TYR B 252 0.07 -30.02 -5.77
N ASN B 253 0.79 -29.88 -6.90
CA ASN B 253 0.51 -30.58 -8.15
C ASN B 253 0.80 -32.06 -8.00
N GLY B 254 -0.02 -32.93 -8.63
CA GLY B 254 0.17 -34.37 -8.63
C GLY B 254 1.39 -34.77 -9.40
N LEU B 255 1.96 -35.95 -9.08
CA LEU B 255 3.19 -36.44 -9.68
C LEU B 255 2.96 -37.76 -10.35
N ARG B 256 1.70 -38.19 -10.56
CA ARG B 256 1.40 -39.48 -11.13
C ARG B 256 0.67 -39.30 -12.42
N LEU B 257 0.79 -40.28 -13.33
CA LEU B 257 0.19 -40.33 -14.64
C LEU B 257 -1.30 -40.31 -14.56
N ALA B 258 -1.96 -39.74 -15.60
CA ALA B 258 -3.39 -39.72 -15.73
C ALA B 258 -3.81 -41.00 -16.40
N GLN B 259 -5.14 -41.23 -16.51
CA GLN B 259 -5.68 -42.42 -17.13
C GLN B 259 -6.06 -42.09 -18.55
N PRO C 3 -32.29 13.67 -37.82
CA PRO C 3 -31.46 14.73 -38.45
C PRO C 3 -30.52 15.22 -37.38
N THR C 4 -29.85 14.28 -36.66
CA THR C 4 -29.04 14.60 -35.51
C THR C 4 -27.60 14.21 -35.72
N MET C 5 -27.18 13.95 -36.99
CA MET C 5 -25.81 13.58 -37.27
C MET C 5 -25.05 14.80 -37.74
N ASN C 6 -25.73 15.96 -37.86
CA ASN C 6 -25.15 17.18 -38.34
C ASN C 6 -25.29 18.24 -37.27
N THR C 7 -25.57 17.83 -36.01
CA THR C 7 -25.76 18.74 -34.90
C THR C 7 -24.44 19.29 -34.40
N PRO C 8 -24.42 20.38 -33.64
CA PRO C 8 -23.20 20.99 -33.14
C PRO C 8 -22.44 20.15 -32.16
N GLY C 9 -23.09 19.24 -31.42
CA GLY C 9 -22.41 18.47 -30.41
C GLY C 9 -21.52 17.44 -31.04
N SER C 10 -22.05 16.70 -32.02
CA SER C 10 -21.37 15.60 -32.67
C SER C 10 -20.16 16.04 -33.46
N THR C 11 -19.16 15.14 -33.55
CA THR C 11 -17.96 15.33 -34.33
C THR C 11 -16.96 16.14 -33.54
N GLN C 12 -16.53 15.57 -32.40
CA GLN C 12 -15.54 16.17 -31.56
C GLN C 12 -15.04 15.07 -30.71
N PHE C 13 -13.95 15.31 -29.97
CA PHE C 13 -13.41 14.41 -29.00
C PHE C 13 -13.52 15.15 -27.71
N LEU C 14 -14.18 14.53 -26.72
CA LEU C 14 -14.36 15.09 -25.42
C LEU C 14 -13.77 14.07 -24.49
N THR C 15 -12.84 14.50 -23.62
CA THR C 15 -12.14 13.62 -22.71
C THR C 15 -12.94 13.44 -21.45
N SER C 16 -14.01 12.62 -21.52
CA SER C 16 -14.88 12.28 -20.43
C SER C 16 -16.12 11.66 -21.03
N ASP C 17 -16.07 11.33 -22.35
CA ASP C 17 -17.16 10.72 -23.06
C ASP C 17 -17.21 9.25 -22.75
N ASP C 18 -18.42 8.66 -22.83
CA ASP C 18 -18.62 7.25 -22.66
C ASP C 18 -19.37 6.82 -23.87
N PHE C 19 -18.71 5.98 -24.70
CA PHE C 19 -19.27 5.45 -25.89
C PHE C 19 -18.61 4.13 -26.05
N GLN C 20 -19.26 3.20 -26.76
CA GLN C 20 -18.69 1.91 -27.06
C GLN C 20 -17.76 2.16 -28.22
N SER C 21 -16.68 1.35 -28.33
CA SER C 21 -15.67 1.54 -29.32
C SER C 21 -15.31 0.17 -29.80
N PRO C 22 -14.91 -0.03 -31.06
CA PRO C 22 -14.59 -1.33 -31.62
C PRO C 22 -13.52 -2.06 -30.87
N CYS C 23 -13.71 -3.38 -30.61
CA CYS C 23 -12.77 -4.22 -29.91
C CYS C 23 -11.64 -4.45 -30.86
N ALA C 24 -10.38 -4.27 -30.40
CA ALA C 24 -9.19 -4.41 -31.19
C ALA C 24 -9.02 -5.79 -31.74
N LEU C 25 -9.26 -6.80 -30.89
CA LEU C 25 -9.24 -8.17 -31.31
C LEU C 25 -10.41 -8.84 -30.65
N PRO C 26 -11.49 -9.13 -31.34
CA PRO C 26 -12.52 -10.02 -30.85
C PRO C 26 -12.08 -11.38 -31.31
N GLN C 27 -12.77 -12.44 -30.89
CA GLN C 27 -12.41 -13.81 -31.17
C GLN C 27 -11.20 -14.14 -30.35
N PHE C 28 -11.23 -13.74 -29.07
CA PHE C 28 -10.18 -13.99 -28.14
C PHE C 28 -10.89 -14.32 -26.88
N ASP C 29 -10.50 -15.44 -26.23
CA ASP C 29 -11.07 -15.86 -24.98
C ASP C 29 -10.26 -15.21 -23.91
N VAL C 30 -10.96 -14.49 -23.02
CA VAL C 30 -10.37 -13.78 -21.91
C VAL C 30 -10.41 -14.74 -20.78
N THR C 31 -9.29 -14.90 -20.03
CA THR C 31 -9.20 -15.79 -18.89
C THR C 31 -10.18 -15.37 -17.82
N PRO C 32 -11.03 -16.22 -17.27
CA PRO C 32 -12.02 -15.85 -16.28
C PRO C 32 -11.41 -15.29 -15.04
N SER C 33 -12.19 -14.50 -14.26
CA SER C 33 -11.73 -13.92 -13.04
C SER C 33 -11.91 -14.98 -11.98
N MET C 34 -11.01 -15.01 -10.97
CA MET C 34 -11.11 -15.89 -9.84
C MET C 34 -11.44 -14.97 -8.71
N ASN C 35 -11.89 -15.55 -7.58
CA ASN C 35 -12.19 -14.83 -6.38
C ASN C 35 -10.89 -14.72 -5.62
N ILE C 36 -10.44 -13.47 -5.34
CA ILE C 36 -9.20 -13.20 -4.66
C ILE C 36 -9.63 -12.51 -3.38
N PRO C 37 -9.09 -12.81 -2.20
CA PRO C 37 -9.50 -12.18 -0.95
C PRO C 37 -9.34 -10.69 -0.93
N GLY C 38 -10.38 -9.96 -0.48
CA GLY C 38 -10.36 -8.53 -0.29
C GLY C 38 -10.54 -7.83 -1.59
N GLU C 39 -11.75 -7.26 -1.83
CA GLU C 39 -12.08 -6.58 -3.05
C GLU C 39 -12.54 -5.24 -2.60
N VAL C 40 -12.03 -4.17 -3.24
CA VAL C 40 -12.40 -2.82 -2.94
C VAL C 40 -13.42 -2.42 -3.97
N LYS C 41 -14.48 -1.70 -3.56
CA LYS C 41 -15.52 -1.27 -4.45
C LYS C 41 -15.83 0.16 -4.17
N ASN C 42 -15.25 0.75 -3.11
CA ASN C 42 -15.49 2.13 -2.80
C ASN C 42 -14.27 2.58 -2.05
N LEU C 43 -13.93 3.88 -2.13
CA LEU C 43 -12.73 4.42 -1.53
C LEU C 43 -13.02 5.02 -0.19
N MET C 44 -14.17 4.67 0.41
CA MET C 44 -14.49 5.03 1.76
C MET C 44 -14.39 3.78 2.57
N GLU C 45 -13.68 2.76 2.06
CA GLU C 45 -13.42 1.54 2.77
C GLU C 45 -11.97 1.56 3.13
N ILE C 46 -11.23 2.60 2.73
CA ILE C 46 -9.82 2.75 2.97
C ILE C 46 -9.66 3.84 3.98
N ALA C 47 -10.63 4.78 4.04
CA ALA C 47 -10.55 5.93 4.89
C ALA C 47 -11.30 5.74 6.17
N GLU C 48 -11.85 4.54 6.41
CA GLU C 48 -12.56 4.22 7.62
C GLU C 48 -11.70 3.27 8.42
N VAL C 49 -10.38 3.27 8.13
CA VAL C 49 -9.42 2.39 8.74
C VAL C 49 -8.54 3.30 9.54
N ASP C 50 -8.26 2.93 10.82
CA ASP C 50 -7.45 3.65 11.75
C ASP C 50 -6.05 3.76 11.27
N SER C 51 -5.35 4.85 11.64
CA SER C 51 -3.95 4.99 11.32
C SER C 51 -3.39 5.89 12.37
N VAL C 52 -2.12 5.64 12.77
CA VAL C 52 -1.44 6.40 13.79
C VAL C 52 -1.25 7.82 13.31
N VAL C 53 -1.52 8.81 14.19
CA VAL C 53 -1.47 10.21 13.88
C VAL C 53 -0.16 10.70 14.41
N PRO C 54 0.66 11.47 13.72
CA PRO C 54 1.90 11.99 14.26
C PRO C 54 1.65 13.30 14.96
N VAL C 55 1.13 13.25 16.20
CA VAL C 55 0.79 14.39 17.03
C VAL C 55 1.99 15.20 17.43
N ASN C 56 3.10 14.55 17.80
CA ASN C 56 4.28 15.20 18.33
C ASN C 56 5.23 15.48 17.20
N ASN C 57 4.76 16.17 16.14
CA ASN C 57 5.56 16.56 15.00
C ASN C 57 6.25 17.87 15.24
N VAL C 58 6.65 18.18 16.50
CA VAL C 58 7.28 19.42 16.88
C VAL C 58 8.57 19.64 16.16
N GLN C 59 8.92 20.93 15.96
CA GLN C 59 10.16 21.37 15.38
C GLN C 59 11.32 20.93 16.23
N ASP C 60 12.40 20.49 15.56
CA ASP C 60 13.60 19.97 16.17
C ASP C 60 13.40 18.56 16.66
N THR C 61 12.82 17.71 15.77
CA THR C 61 12.73 16.29 15.97
C THR C 61 13.83 15.75 15.10
N THR C 62 14.81 15.09 15.73
CA THR C 62 16.01 14.62 15.06
C THR C 62 15.90 13.14 14.83
N ASP C 63 14.74 12.54 15.18
CA ASP C 63 14.51 11.15 14.96
C ASP C 63 13.06 11.02 14.64
N GLN C 64 12.74 10.31 13.53
CA GLN C 64 11.40 9.97 13.13
C GLN C 64 11.11 8.73 13.89
N MET C 65 9.84 8.56 14.35
CA MET C 65 9.33 7.52 15.22
C MET C 65 9.18 8.10 16.58
N GLU C 66 9.50 9.41 16.73
CA GLU C 66 9.34 10.12 17.97
C GLU C 66 8.22 11.07 17.77
N MET C 67 7.51 10.97 16.62
CA MET C 67 6.42 11.84 16.33
C MET C 67 5.12 11.18 16.65
N PHE C 68 5.13 9.88 16.97
CA PHE C 68 3.92 9.15 17.28
C PHE C 68 3.73 9.00 18.76
N ARG C 69 4.60 9.61 19.58
CA ARG C 69 4.60 9.43 21.01
C ARG C 69 4.37 10.77 21.60
N ILE C 70 3.48 10.87 22.59
CA ILE C 70 3.17 12.11 23.25
C ILE C 70 3.71 11.91 24.66
N PRO C 71 4.77 12.56 25.11
CA PRO C 71 5.40 12.30 26.39
C PRO C 71 4.53 12.61 27.58
N VAL C 72 4.66 11.81 28.66
CA VAL C 72 3.97 12.00 29.91
C VAL C 72 5.03 11.59 30.90
N THR C 73 5.20 12.35 32.02
CA THR C 73 6.22 12.08 33.01
C THR C 73 5.59 12.20 34.37
N ILE C 74 6.26 11.62 35.40
CA ILE C 74 5.82 11.64 36.78
C ILE C 74 5.75 13.04 37.31
N ASN C 75 6.81 13.85 37.10
CA ASN C 75 6.89 15.17 37.67
C ASN C 75 6.75 16.11 36.54
N ALA C 76 5.55 16.73 36.50
CA ALA C 76 5.19 17.72 35.53
C ALA C 76 4.25 18.57 36.33
N PRO C 77 4.32 19.90 36.33
CA PRO C 77 3.41 20.76 37.08
C PRO C 77 1.97 20.51 36.72
N LEU C 78 1.08 20.45 37.73
CA LEU C 78 -0.33 20.20 37.52
C LEU C 78 -0.96 21.33 36.79
N GLN C 79 -1.97 21.02 35.95
CA GLN C 79 -2.71 21.96 35.15
C GLN C 79 -1.85 22.52 34.05
N GLN C 80 -1.10 21.63 33.36
CA GLN C 80 -0.22 21.98 32.28
C GLN C 80 -0.73 21.19 31.13
N GLN C 81 -0.80 21.81 29.93
CA GLN C 81 -1.35 21.20 28.74
C GLN C 81 -0.43 20.10 28.28
N VAL C 82 -0.99 19.01 27.69
CA VAL C 82 -0.24 17.88 27.25
C VAL C 82 -0.13 17.96 25.75
N PHE C 83 -1.22 18.31 25.02
CA PHE C 83 -1.15 18.47 23.59
C PHE C 83 -2.33 19.28 23.16
N GLY C 84 -2.27 19.79 21.90
CA GLY C 84 -3.36 20.48 21.27
C GLY C 84 -3.44 19.97 19.87
N LEU C 85 -4.63 20.07 19.24
CA LEU C 85 -4.90 19.58 17.92
C LEU C 85 -5.91 20.51 17.36
N ARG C 86 -5.88 20.75 16.03
CA ARG C 86 -6.87 21.53 15.35
C ARG C 86 -7.49 20.61 14.35
N LEU C 87 -8.83 20.52 14.40
CA LEU C 87 -9.58 19.53 13.68
C LEU C 87 -9.87 20.03 12.31
N GLN C 88 -9.04 19.64 11.34
CA GLN C 88 -9.12 20.08 9.98
C GLN C 88 -8.23 19.09 9.28
N PRO C 89 -8.72 17.92 8.87
CA PRO C 89 -7.89 16.84 8.37
C PRO C 89 -7.38 17.04 6.97
N GLY C 90 -7.47 18.24 6.36
CA GLY C 90 -7.03 18.43 5.01
C GLY C 90 -5.90 19.40 4.95
N LEU C 91 -5.83 20.35 5.92
CA LEU C 91 -4.88 21.45 5.84
C LEU C 91 -3.89 21.32 6.93
N ASP C 92 -4.31 20.89 8.14
CA ASP C 92 -3.46 20.76 9.30
C ASP C 92 -2.43 19.71 9.02
N SER C 93 -1.16 19.99 9.33
CA SER C 93 -0.02 19.13 9.07
C SER C 93 -0.10 17.82 9.78
N VAL C 94 -0.69 17.81 10.99
CA VAL C 94 -0.84 16.67 11.86
C VAL C 94 -1.59 15.54 11.20
N PHE C 95 -2.70 15.83 10.51
CA PHE C 95 -3.59 14.82 9.96
C PHE C 95 -3.39 14.72 8.47
N LYS C 96 -2.42 15.47 7.91
CA LYS C 96 -2.24 15.63 6.49
C LYS C 96 -1.95 14.37 5.73
N HIS C 97 -1.08 13.49 6.27
CA HIS C 97 -0.57 12.33 5.57
C HIS C 97 -1.09 11.04 6.14
N THR C 98 -2.21 11.06 6.88
CA THR C 98 -2.85 9.86 7.40
C THR C 98 -3.63 9.22 6.28
N LEU C 99 -4.25 8.03 6.50
CA LEU C 99 -5.07 7.37 5.52
C LEU C 99 -6.26 8.21 5.18
N LEU C 100 -6.87 8.82 6.21
CA LEU C 100 -8.00 9.70 6.08
C LEU C 100 -7.64 10.93 5.30
N GLY C 101 -6.44 11.50 5.57
CA GLY C 101 -6.04 12.77 5.03
C GLY C 101 -5.63 12.70 3.59
N GLU C 102 -5.22 11.53 3.08
CA GLU C 102 -4.70 11.41 1.74
C GLU C 102 -5.74 10.89 0.81
N ILE C 103 -6.99 10.67 1.28
CA ILE C 103 -8.10 10.27 0.44
C ILE C 103 -8.94 11.51 0.26
N LEU C 104 -8.81 12.52 1.13
CA LEU C 104 -9.60 13.73 1.07
C LEU C 104 -8.89 14.81 0.34
N ASN C 105 -7.68 14.52 -0.19
CA ASN C 105 -6.93 15.49 -0.95
C ASN C 105 -7.09 15.17 -2.41
N TYR C 106 -7.96 14.19 -2.74
CA TYR C 106 -8.34 13.88 -4.09
C TYR C 106 -9.66 14.49 -4.38
N TYR C 107 -10.30 15.17 -3.41
CA TYR C 107 -11.62 15.71 -3.61
C TYR C 107 -11.60 17.09 -3.11
N ALA C 108 -12.56 17.91 -3.60
CA ALA C 108 -12.54 19.32 -3.41
C ALA C 108 -13.63 19.75 -2.48
N HIS C 109 -14.53 18.84 -2.07
CA HIS C 109 -15.58 19.18 -1.14
C HIS C 109 -15.84 17.94 -0.38
N TRP C 110 -15.96 18.04 0.96
CA TRP C 110 -16.23 16.88 1.76
C TRP C 110 -16.68 17.35 3.09
N SER C 111 -17.45 16.50 3.81
CA SER C 111 -17.90 16.81 5.13
C SER C 111 -18.35 15.54 5.76
N GLY C 112 -18.37 15.50 7.10
CA GLY C 112 -18.84 14.33 7.82
C GLY C 112 -18.45 14.50 9.24
N SER C 113 -18.09 13.38 9.90
CA SER C 113 -17.65 13.37 11.27
C SER C 113 -16.61 12.29 11.32
N MET C 114 -15.58 12.44 12.17
CA MET C 114 -14.46 11.54 12.19
C MET C 114 -14.06 11.37 13.62
N LYS C 115 -13.86 10.10 14.05
CA LYS C 115 -13.57 9.74 15.42
C LYS C 115 -12.09 9.68 15.66
N LEU C 116 -11.70 9.79 16.95
CA LEU C 116 -10.33 9.75 17.41
C LEU C 116 -10.32 8.78 18.54
N THR C 117 -9.15 8.21 18.89
CA THR C 117 -9.01 7.30 20.00
C THR C 117 -7.66 7.65 20.57
N PHE C 118 -7.50 7.55 21.91
CA PHE C 118 -6.27 7.85 22.58
C PHE C 118 -6.00 6.66 23.43
N VAL C 119 -4.81 6.04 23.28
CA VAL C 119 -4.43 4.81 23.93
C VAL C 119 -3.23 5.10 24.77
N PHE C 120 -3.29 4.81 26.09
CA PHE C 120 -2.16 4.95 26.98
C PHE C 120 -1.34 3.70 26.87
N CYS C 121 -0.02 3.84 26.62
CA CYS C 121 0.88 2.75 26.34
C CYS C 121 1.96 2.64 27.37
N GLY C 122 1.77 3.20 28.58
CA GLY C 122 2.73 3.13 29.67
C GLY C 122 2.77 1.78 30.32
N SER C 123 3.21 1.72 31.60
CA SER C 123 3.26 0.52 32.39
C SER C 123 1.89 0.13 32.82
N ALA C 124 1.75 -1.10 33.37
CA ALA C 124 0.49 -1.60 33.86
C ALA C 124 0.32 -1.28 35.30
N MET C 125 1.26 -0.51 35.88
CA MET C 125 1.26 -0.18 37.29
C MET C 125 1.02 1.29 37.47
N ALA C 126 0.91 2.07 36.37
CA ALA C 126 0.74 3.50 36.42
C ALA C 126 -0.71 3.82 36.54
N THR C 127 -1.02 4.96 37.19
CA THR C 127 -2.37 5.44 37.41
C THR C 127 -2.28 6.93 37.25
N GLY C 128 -3.44 7.61 37.08
CA GLY C 128 -3.48 9.04 36.88
C GLY C 128 -4.73 9.35 36.14
N LYS C 129 -4.93 10.64 35.79
CA LYS C 129 -6.11 11.11 35.12
C LYS C 129 -5.68 12.13 34.12
N PHE C 130 -6.59 12.48 33.19
CA PHE C 130 -6.34 13.46 32.16
C PHE C 130 -7.71 14.02 31.90
N LEU C 131 -7.78 15.29 31.48
CA LEU C 131 -9.02 15.95 31.19
C LEU C 131 -8.92 16.27 29.73
N ILE C 132 -9.72 15.61 28.88
CA ILE C 132 -9.72 15.81 27.46
C ILE C 132 -10.87 16.73 27.15
N ALA C 133 -10.59 17.95 26.67
CA ALA C 133 -11.58 18.97 26.41
C ALA C 133 -11.82 19.07 24.94
N TYR C 134 -12.93 19.73 24.55
CA TYR C 134 -13.35 19.91 23.19
C TYR C 134 -13.92 21.29 23.08
N SER C 135 -13.57 22.01 22.00
CA SER C 135 -14.04 23.36 21.75
C SER C 135 -14.79 23.31 20.45
N PRO C 136 -16.03 23.79 20.33
CA PRO C 136 -16.77 23.91 19.08
C PRO C 136 -16.06 24.78 18.07
N PRO C 137 -16.28 24.67 16.76
CA PRO C 137 -15.63 25.50 15.77
C PRO C 137 -16.04 26.93 15.93
N GLY C 138 -15.09 27.88 15.79
CA GLY C 138 -15.35 29.28 15.98
C GLY C 138 -15.30 29.65 17.42
N ALA C 139 -14.43 28.99 18.22
CA ALA C 139 -14.28 29.28 19.62
C ALA C 139 -12.84 29.05 19.92
N ASN C 140 -12.21 29.95 20.71
CA ASN C 140 -10.82 29.91 21.07
C ASN C 140 -10.51 28.69 21.89
N PRO C 141 -9.35 28.06 21.79
CA PRO C 141 -8.95 26.96 22.66
C PRO C 141 -8.83 27.45 24.09
N PRO C 142 -9.16 26.71 25.13
CA PRO C 142 -9.02 27.13 26.51
C PRO C 142 -7.60 27.41 26.89
N LYS C 143 -7.36 28.27 27.90
CA LYS C 143 -6.03 28.70 28.26
C LYS C 143 -5.60 28.12 29.57
N THR C 144 -6.53 27.50 30.33
CA THR C 144 -6.25 26.95 31.63
C THR C 144 -7.07 25.71 31.72
N ARG C 145 -6.68 24.80 32.63
CA ARG C 145 -7.35 23.56 32.92
C ARG C 145 -8.73 23.85 33.44
N LYS C 146 -8.83 24.89 34.30
CA LYS C 146 -10.04 25.35 34.94
C LYS C 146 -11.15 25.74 34.03
N ASP C 147 -10.85 26.42 32.90
CA ASP C 147 -11.88 26.90 31.99
C ASP C 147 -12.01 25.98 30.82
N ALA C 148 -11.28 24.85 30.82
CA ALA C 148 -11.34 23.85 29.78
C ALA C 148 -12.25 22.77 30.27
N MET C 149 -12.72 22.91 31.52
CA MET C 149 -13.58 22.01 32.21
C MET C 149 -14.97 22.56 32.25
N LEU C 150 -15.18 23.77 31.70
CA LEU C 150 -16.49 24.38 31.61
C LEU C 150 -17.05 24.15 30.24
N GLY C 151 -16.30 23.50 29.33
CA GLY C 151 -16.74 23.12 28.01
C GLY C 151 -17.14 21.69 28.09
N THR C 152 -16.98 20.94 26.98
CA THR C 152 -17.34 19.55 26.90
C THR C 152 -16.08 18.85 27.27
N HIS C 153 -16.13 17.79 28.10
CA HIS C 153 -14.89 17.17 28.51
C HIS C 153 -15.19 15.80 29.00
N ILE C 154 -14.13 14.97 29.11
CA ILE C 154 -14.19 13.63 29.60
C ILE C 154 -13.02 13.47 30.51
N ILE C 155 -13.24 13.00 31.77
CA ILE C 155 -12.16 12.67 32.67
C ILE C 155 -11.78 11.25 32.36
N TRP C 156 -10.60 11.06 31.74
CA TRP C 156 -10.09 9.77 31.36
C TRP C 156 -9.23 9.31 32.48
N ASP C 157 -9.53 8.12 33.05
CA ASP C 157 -8.77 7.55 34.12
C ASP C 157 -8.05 6.39 33.50
N ILE C 158 -6.71 6.35 33.61
CA ILE C 158 -5.89 5.35 32.95
C ILE C 158 -5.67 4.19 33.86
N GLY C 159 -6.32 4.18 35.04
CA GLY C 159 -6.24 3.10 35.99
C GLY C 159 -7.32 2.10 35.72
N LEU C 160 -8.41 2.53 35.04
CA LEU C 160 -9.59 1.72 34.86
C LEU C 160 -9.85 1.53 33.40
N GLN C 161 -9.24 2.38 32.54
CA GLN C 161 -9.45 2.34 31.12
C GLN C 161 -8.08 2.39 30.54
N SER C 162 -7.98 2.09 29.24
CA SER C 162 -6.71 2.09 28.56
C SER C 162 -6.96 2.77 27.25
N SER C 163 -8.23 3.11 26.90
CA SER C 163 -8.55 3.75 25.67
C SER C 163 -9.77 4.59 25.91
N CYS C 164 -9.87 5.76 25.24
CA CYS C 164 -11.03 6.61 25.34
C CYS C 164 -11.24 7.12 23.94
N VAL C 165 -12.51 7.11 23.47
CA VAL C 165 -12.89 7.41 22.11
C VAL C 165 -13.74 8.66 22.11
N LEU C 166 -13.50 9.57 21.15
CA LEU C 166 -14.29 10.76 20.90
C LEU C 166 -14.86 10.60 19.53
N CYS C 167 -16.01 11.24 19.23
CA CYS C 167 -16.57 11.28 17.90
C CYS C 167 -16.85 12.73 17.66
N VAL C 168 -16.13 13.37 16.72
CA VAL C 168 -16.15 14.81 16.52
C VAL C 168 -17.09 15.17 15.39
N PRO C 169 -18.16 15.95 15.55
CA PRO C 169 -19.05 16.34 14.47
C PRO C 169 -18.56 17.62 13.85
N TRP C 170 -19.18 18.07 12.72
CA TRP C 170 -18.89 19.32 12.05
C TRP C 170 -17.49 19.40 11.51
N ILE C 171 -17.14 18.47 10.60
CA ILE C 171 -15.87 18.44 9.92
C ILE C 171 -16.24 18.75 8.51
N SER C 172 -15.52 19.70 7.86
CA SER C 172 -15.89 20.24 6.58
C SER C 172 -14.64 20.79 5.96
N GLN C 173 -14.65 20.96 4.62
CA GLN C 173 -13.53 21.37 3.81
C GLN C 173 -12.95 22.70 4.19
N THR C 174 -13.80 23.73 4.41
CA THR C 174 -13.41 25.03 4.94
C THR C 174 -12.42 25.70 4.01
N HIS C 175 -12.85 25.93 2.75
CA HIS C 175 -12.04 26.52 1.71
C HIS C 175 -12.66 27.88 1.38
N THR C 185 -9.21 30.24 9.36
CA THR C 185 -10.24 29.17 9.30
C THR C 185 -10.93 29.01 10.62
N SER C 186 -12.05 28.24 10.62
CA SER C 186 -12.81 27.94 11.80
C SER C 186 -12.80 26.45 11.90
N ALA C 187 -12.38 25.94 13.06
CA ALA C 187 -12.17 24.54 13.27
C ALA C 187 -12.27 24.35 14.74
N GLY C 188 -12.66 23.14 15.18
CA GLY C 188 -12.66 22.75 16.56
C GLY C 188 -11.28 22.58 17.08
N TYR C 189 -11.15 22.19 18.36
CA TYR C 189 -9.88 21.94 18.96
C TYR C 189 -10.15 20.85 19.92
N VAL C 190 -9.13 20.02 20.18
CA VAL C 190 -9.16 18.98 21.16
C VAL C 190 -7.88 19.24 21.87
N THR C 191 -7.94 19.38 23.20
CA THR C 191 -6.80 19.69 24.02
C THR C 191 -6.85 18.67 25.13
N CYS C 192 -5.74 18.51 25.86
CA CYS C 192 -5.65 17.54 26.89
C CYS C 192 -4.79 18.17 27.94
N TRP C 193 -5.11 17.94 29.22
CA TRP C 193 -4.53 18.66 30.33
C TRP C 193 -4.19 17.68 31.39
N TYR C 194 -3.25 18.06 32.28
CA TYR C 194 -2.88 17.26 33.43
C TYR C 194 -3.88 17.47 34.50
N GLN C 195 -4.36 16.35 35.04
CA GLN C 195 -5.23 16.32 36.17
C GLN C 195 -4.55 15.26 36.98
N THR C 196 -4.02 15.63 38.16
CA THR C 196 -3.42 14.75 39.13
C THR C 196 -2.27 13.91 38.62
N GLY C 197 -1.32 14.52 37.89
CA GLY C 197 -0.07 13.96 37.38
C GLY C 197 -0.13 12.54 36.91
N MET C 198 0.93 11.77 37.22
CA MET C 198 1.00 10.36 36.97
C MET C 198 1.72 9.83 38.17
N ILE C 199 1.25 8.69 38.72
CA ILE C 199 1.71 8.14 39.96
C ILE C 199 2.11 6.73 39.64
N VAL C 200 3.30 6.29 40.10
CA VAL C 200 3.79 4.95 39.86
C VAL C 200 4.34 4.43 41.17
N PRO C 201 4.45 3.11 41.39
CA PRO C 201 5.02 2.53 42.59
C PRO C 201 6.50 2.32 42.34
N PRO C 202 7.34 1.93 43.29
CA PRO C 202 8.76 1.67 43.10
C PRO C 202 9.12 0.74 41.98
N GLY C 203 10.21 1.03 41.25
CA GLY C 203 10.78 0.14 40.26
C GLY C 203 10.00 0.13 38.97
N THR C 204 9.36 1.27 38.63
CA THR C 204 8.54 1.40 37.46
C THR C 204 9.15 2.55 36.70
N PRO C 205 9.27 2.53 35.36
CA PRO C 205 9.67 3.65 34.52
C PRO C 205 9.03 4.98 34.85
N ASN C 206 9.76 6.09 34.63
CA ASN C 206 9.33 7.41 34.97
C ASN C 206 8.77 8.14 33.79
N SER C 207 8.52 7.44 32.66
CA SER C 207 8.03 8.10 31.48
C SER C 207 7.17 7.09 30.79
N SER C 208 6.13 7.60 30.11
CA SER C 208 5.15 6.82 29.40
C SER C 208 4.78 7.66 28.23
N SER C 209 3.91 7.14 27.34
CA SER C 209 3.56 7.82 26.12
C SER C 209 2.13 7.52 25.84
N ILE C 210 1.52 8.32 24.95
CA ILE C 210 0.15 8.18 24.53
C ILE C 210 0.22 8.20 23.03
N MET C 211 -0.46 7.24 22.37
CA MET C 211 -0.56 7.15 20.93
C MET C 211 -1.93 7.63 20.58
N CYS C 212 -2.18 7.93 19.29
CA CYS C 212 -3.42 8.51 18.86
C CYS C 212 -3.75 7.91 17.51
N PHE C 213 -5.04 7.64 17.27
CA PHE C 213 -5.53 7.01 16.07
C PHE C 213 -6.65 7.88 15.58
N ALA C 214 -6.94 7.84 14.26
CA ALA C 214 -7.96 8.67 13.68
C ALA C 214 -8.46 7.98 12.45
N SER C 215 -9.77 8.12 12.16
CA SER C 215 -10.40 7.52 11.02
C SER C 215 -11.70 8.24 10.85
N ALA C 216 -12.36 8.08 9.68
CA ALA C 216 -13.66 8.61 9.41
C ALA C 216 -14.66 7.73 10.08
N CYS C 217 -15.92 8.19 10.20
CA CYS C 217 -17.00 7.39 10.71
C CYS C 217 -17.61 6.67 9.55
N ASN C 218 -18.65 7.26 8.92
CA ASN C 218 -19.35 6.60 7.86
C ASN C 218 -20.28 7.61 7.25
N ASP C 219 -20.20 8.87 7.71
CA ASP C 219 -21.06 9.94 7.29
C ASP C 219 -20.36 10.76 6.25
N PHE C 220 -19.10 10.41 5.91
CA PHE C 220 -18.31 11.11 4.93
C PHE C 220 -18.89 11.00 3.55
N SER C 221 -18.73 12.09 2.76
CA SER C 221 -19.18 12.18 1.42
C SER C 221 -18.13 13.02 0.76
N VAL C 222 -17.78 12.70 -0.49
CA VAL C 222 -16.73 13.38 -1.20
C VAL C 222 -17.28 13.70 -2.55
N ARG C 223 -16.86 14.85 -3.13
CA ARG C 223 -17.41 15.34 -4.37
C ARG C 223 -16.34 16.09 -5.10
N MET C 224 -16.27 15.89 -6.44
CA MET C 224 -15.38 16.52 -7.38
C MET C 224 -13.96 16.04 -7.28
N LEU C 225 -13.58 15.07 -8.14
CA LEU C 225 -12.27 14.49 -8.20
C LEU C 225 -11.30 15.53 -8.71
N ARG C 226 -10.05 15.54 -8.20
CA ARG C 226 -9.04 16.45 -8.66
C ARG C 226 -7.74 15.84 -8.25
N ASP C 227 -6.63 16.30 -8.86
CA ASP C 227 -5.29 15.84 -8.59
C ASP C 227 -4.83 16.18 -7.19
N THR C 228 -4.02 15.29 -6.59
CA THR C 228 -3.42 15.48 -5.29
C THR C 228 -2.35 16.54 -5.39
N PRO C 229 -2.06 17.34 -4.36
CA PRO C 229 -1.06 18.38 -4.46
C PRO C 229 0.18 17.89 -3.74
N PHE C 230 0.43 16.56 -3.72
CA PHE C 230 1.59 15.98 -3.07
C PHE C 230 2.48 15.34 -4.11
N ILE C 231 2.19 15.54 -5.40
CA ILE C 231 2.98 14.99 -6.47
C ILE C 231 3.45 16.12 -7.31
N SER C 232 4.76 16.12 -7.61
CA SER C 232 5.41 17.10 -8.45
C SER C 232 6.07 16.32 -9.55
N GLN C 233 5.87 16.77 -10.81
CA GLN C 233 6.40 16.13 -12.00
C GLN C 233 7.90 16.46 -12.11
#